data_5MR3
#
_entry.id   5MR3
#
_cell.length_a   75.870
_cell.length_b   87.860
_cell.length_c   92.550
_cell.angle_alpha   90.00
_cell.angle_beta   100.93
_cell.angle_gamma   90.00
#
_symmetry.space_group_name_H-M   'P 1 21 1'
#
loop_
_entity.id
_entity.type
_entity.pdbx_description
1 polymer Egg-lysin
2 polymer 'Vitelline envelope sperm lysin receptor'
3 non-polymer GLYCEROL
4 non-polymer 'CHLORIDE ION'
5 non-polymer 2-acetamido-2-deoxy-beta-D-glucopyranose
6 non-polymer 'TRIETHYLENE GLYCOL'
7 water water
#
loop_
_entity_poly.entity_id
_entity_poly.type
_entity_poly.pdbx_seq_one_letter_code
_entity_poly.pdbx_strand_id
1 'polypeptide(L)'
;RSWHYVEPKFLNKAFEVALKVQIIAGFDRGLVKWLRVHGRTLSTVQKKALYFVNRRYMQTHWANYMLWINKKIDALGRTP
VVGDYTRLGAEIGRRIDMAYFYDFLKDKNMIPKYLPYMEEINRMRPADVPVKYMGK
;
A,C,E,G
2 'polypeptide(L)'
;ETGIDWDVFCSQNENIPAKFISRLVAPKCLAVEKMDVDCSNGLVPITHEHGFNMMLIQYTRNKLLDSPGMCVFWGPYSVP
KNDTVVLYTVTARLKWSEGPPTDLSIQCYMPKSPDAPKPEACLAAPLEHHHHHH
;
B,D,F,H
#
loop_
_chem_comp.id
_chem_comp.type
_chem_comp.name
_chem_comp.formula
CL non-polymer 'CHLORIDE ION' 'Cl -1'
GOL non-polymer GLYCEROL 'C3 H8 O3'
NAG D-saccharide, beta linking 2-acetamido-2-deoxy-beta-D-glucopyranose 'C8 H15 N O6'
PGE non-polymer 'TRIETHYLENE GLYCOL' 'C6 H14 O4'
#
# COMPACT_ATOMS: atom_id res chain seq x y z
N PHE A 10 -23.70 1.67 -17.99
CA PHE A 10 -24.38 1.36 -16.74
C PHE A 10 -24.60 2.61 -15.92
N LEU A 11 -24.20 3.75 -16.47
CA LEU A 11 -24.35 5.05 -15.83
C LEU A 11 -25.23 5.93 -16.70
N ASN A 12 -26.12 6.69 -16.07
CA ASN A 12 -26.97 7.60 -16.82
C ASN A 12 -26.12 8.50 -17.70
N LYS A 13 -26.63 8.84 -18.88
CA LYS A 13 -25.80 9.53 -19.86
C LYS A 13 -25.38 10.91 -19.36
N ALA A 14 -26.27 11.60 -18.64
CA ALA A 14 -25.96 12.93 -18.15
C ALA A 14 -24.79 12.89 -17.17
N PHE A 15 -24.78 11.88 -16.30
CA PHE A 15 -23.66 11.73 -15.36
C PHE A 15 -22.37 11.42 -16.09
N GLU A 16 -22.44 10.50 -17.06
CA GLU A 16 -21.26 10.19 -17.87
C GLU A 16 -20.72 11.45 -18.53
N VAL A 17 -21.61 12.25 -19.12
CA VAL A 17 -21.19 13.45 -19.83
C VAL A 17 -20.55 14.44 -18.87
N ALA A 18 -21.16 14.65 -17.69
CA ALA A 18 -20.56 15.54 -16.71
C ALA A 18 -19.13 15.10 -16.40
N LEU A 19 -18.96 13.80 -16.14
CA LEU A 19 -17.62 13.27 -15.87
C LEU A 19 -16.66 13.60 -17.01
N LYS A 20 -17.01 13.19 -18.24
CA LYS A 20 -16.07 13.32 -19.35
C LYS A 20 -15.72 14.78 -19.61
N VAL A 21 -16.73 15.65 -19.61
CA VAL A 21 -16.49 17.07 -19.80
C VAL A 21 -15.46 17.58 -18.80
N GLN A 22 -15.65 17.23 -17.51
CA GLN A 22 -14.76 17.79 -16.49
C GLN A 22 -13.37 17.16 -16.55
N ILE A 23 -13.30 15.85 -16.77
CA ILE A 23 -12.00 15.19 -16.84
C ILE A 23 -11.17 15.76 -17.98
N ILE A 24 -11.75 15.80 -19.18
CA ILE A 24 -11.01 16.31 -20.33
C ILE A 24 -10.66 17.79 -20.14
N ALA A 25 -11.60 18.57 -19.58
CA ALA A 25 -11.29 19.98 -19.34
C ALA A 25 -10.10 20.14 -18.39
N GLY A 26 -10.06 19.34 -17.33
CA GLY A 26 -8.95 19.43 -16.39
C GLY A 26 -7.63 19.00 -17.01
N PHE A 27 -7.64 17.86 -17.70
CA PHE A 27 -6.44 17.42 -18.41
C PHE A 27 -5.94 18.53 -19.34
N ASP A 28 -6.86 19.17 -20.07
CA ASP A 28 -6.49 20.19 -21.03
C ASP A 28 -5.91 21.42 -20.33
N ARG A 29 -6.48 21.83 -19.21
CA ARG A 29 -5.89 22.96 -18.50
C ARG A 29 -4.47 22.64 -18.06
N GLY A 30 -4.24 21.43 -17.54
CA GLY A 30 -2.88 21.03 -17.21
C GLY A 30 -1.97 21.10 -18.42
N LEU A 31 -2.46 20.66 -19.58
CA LEU A 31 -1.64 20.72 -20.78
C LEU A 31 -1.36 22.16 -21.19
N VAL A 32 -2.33 23.07 -20.99
CA VAL A 32 -2.11 24.48 -21.29
C VAL A 32 -0.98 25.04 -20.42
N LYS A 33 -1.07 24.82 -19.10
CA LYS A 33 -0.01 25.28 -18.23
C LYS A 33 1.34 24.73 -18.66
N TRP A 34 1.39 23.45 -19.04
CA TRP A 34 2.64 22.85 -19.45
C TRP A 34 3.14 23.45 -20.77
N LEU A 35 2.23 23.71 -21.71
CA LEU A 35 2.62 24.23 -23.01
C LEU A 35 3.11 25.67 -22.91
N ARG A 36 2.60 26.46 -21.97
CA ARG A 36 3.14 27.80 -21.80
C ARG A 36 4.63 27.76 -21.51
N VAL A 37 5.13 26.67 -20.94
CA VAL A 37 6.54 26.56 -20.60
C VAL A 37 7.30 25.86 -21.72
N HIS A 38 6.91 24.63 -22.05
CA HIS A 38 7.68 23.79 -22.96
C HIS A 38 7.11 23.70 -24.37
N GLY A 39 6.05 24.45 -24.69
CA GLY A 39 5.36 24.28 -25.94
C GLY A 39 5.98 24.96 -27.14
N ARG A 40 6.88 25.92 -26.93
CA ARG A 40 7.44 26.68 -28.05
C ARG A 40 8.17 25.78 -29.04
N THR A 41 8.82 24.73 -28.56
CA THR A 41 9.62 23.87 -29.43
C THR A 41 8.79 22.89 -30.24
N LEU A 42 7.52 22.72 -29.90
CA LEU A 42 6.70 21.66 -30.48
C LEU A 42 5.94 22.16 -31.69
N SER A 43 5.80 21.30 -32.69
CA SER A 43 4.98 21.61 -33.84
C SER A 43 3.50 21.60 -33.45
N THR A 44 2.67 22.14 -34.34
CA THR A 44 1.23 22.14 -34.10
C THR A 44 0.70 20.73 -33.98
N VAL A 45 1.14 19.83 -34.85
CA VAL A 45 0.63 18.46 -34.86
C VAL A 45 1.05 17.70 -33.60
N GLN A 46 2.23 18.00 -33.06
CA GLN A 46 2.62 17.38 -31.80
C GLN A 46 1.71 17.81 -30.66
N LYS A 47 1.41 19.11 -30.59
CA LYS A 47 0.47 19.60 -29.60
C LYS A 47 -0.88 18.93 -29.74
N LYS A 48 -1.37 18.81 -30.98
CA LYS A 48 -2.62 18.10 -31.20
C LYS A 48 -2.52 16.66 -30.72
N ALA A 49 -1.36 16.03 -30.93
CA ALA A 49 -1.17 14.67 -30.45
C ALA A 49 -1.27 14.60 -28.93
N LEU A 50 -0.82 15.63 -28.22
CA LEU A 50 -0.94 15.63 -26.77
C LEU A 50 -2.39 15.84 -26.31
N TYR A 51 -3.14 16.70 -27.02
CA TYR A 51 -4.56 16.81 -26.71
C TYR A 51 -5.26 15.46 -26.87
N PHE A 52 -4.96 14.77 -27.96
CA PHE A 52 -5.43 13.40 -28.11
C PHE A 52 -4.98 12.53 -26.94
N VAL A 53 -3.71 12.68 -26.51
CA VAL A 53 -3.23 11.87 -25.39
C VAL A 53 -4.11 12.06 -24.17
N ASN A 54 -4.60 13.29 -23.95
CA ASN A 54 -5.52 13.54 -22.84
C ASN A 54 -6.81 12.72 -23.00
N ARG A 55 -7.44 12.83 -24.17
CA ARG A 55 -8.70 12.12 -24.35
C ARG A 55 -8.51 10.60 -24.27
N ARG A 56 -7.47 10.09 -24.91
CA ARG A 56 -7.19 8.66 -24.87
C ARG A 56 -6.88 8.20 -23.45
N TYR A 57 -6.19 9.04 -22.67
CA TYR A 57 -5.92 8.64 -21.29
C TYR A 57 -7.22 8.43 -20.54
N MET A 58 -8.17 9.36 -20.70
CA MET A 58 -9.48 9.14 -20.07
C MET A 58 -10.09 7.83 -20.53
N GLN A 59 -10.01 7.54 -21.84
CA GLN A 59 -10.59 6.30 -22.36
C GLN A 59 -9.93 5.08 -21.72
N THR A 60 -8.60 5.05 -21.71
CA THR A 60 -7.87 3.91 -21.18
C THR A 60 -8.21 3.67 -19.72
N HIS A 61 -8.38 4.74 -18.94
CA HIS A 61 -8.52 4.60 -17.49
C HIS A 61 -9.95 4.75 -16.99
N TRP A 62 -10.92 4.77 -17.91
CA TRP A 62 -12.32 4.97 -17.53
C TRP A 62 -12.78 3.97 -16.48
N ALA A 63 -12.43 2.69 -16.64
CA ALA A 63 -12.94 1.66 -15.72
C ALA A 63 -12.41 1.84 -14.30
N ASN A 64 -11.11 2.16 -14.14
CA ASN A 64 -10.61 2.37 -12.79
C ASN A 64 -11.13 3.69 -12.21
N TYR A 65 -11.28 4.73 -13.04
CA TYR A 65 -11.95 5.93 -12.57
C TYR A 65 -13.36 5.60 -12.09
N MET A 66 -14.05 4.68 -12.77
CA MET A 66 -15.40 4.32 -12.34
C MET A 66 -15.38 3.58 -11.01
N LEU A 67 -14.34 2.77 -10.74
CA LEU A 67 -14.21 2.23 -9.39
C LEU A 67 -14.16 3.36 -8.36
N TRP A 68 -13.32 4.37 -8.62
CA TRP A 68 -13.18 5.48 -7.67
C TRP A 68 -14.48 6.28 -7.54
N ILE A 69 -15.08 6.63 -8.68
CA ILE A 69 -16.31 7.42 -8.70
C ILE A 69 -17.42 6.69 -7.95
N ASN A 70 -17.62 5.41 -8.24
CA ASN A 70 -18.65 4.65 -7.55
C ASN A 70 -18.40 4.65 -6.06
N LYS A 71 -17.13 4.56 -5.65
CA LYS A 71 -16.82 4.62 -4.22
C LYS A 71 -17.28 5.96 -3.62
N LYS A 72 -16.96 7.08 -4.27
CA LYS A 72 -17.38 8.39 -3.75
C LYS A 72 -18.90 8.54 -3.75
N ILE A 73 -19.55 8.26 -4.88
CA ILE A 73 -21.00 8.41 -4.97
C ILE A 73 -21.68 7.59 -3.88
N ASP A 74 -21.25 6.35 -3.70
CA ASP A 74 -21.82 5.53 -2.64
C ASP A 74 -21.59 6.18 -1.28
N ALA A 75 -20.43 6.82 -1.10
CA ALA A 75 -20.15 7.46 0.18
C ALA A 75 -21.04 8.67 0.41
N LEU A 76 -21.65 9.25 -0.63
CA LEU A 76 -22.55 10.38 -0.41
C LEU A 76 -23.69 10.02 0.54
N GLY A 77 -24.16 8.78 0.52
CA GLY A 77 -25.28 8.41 1.37
C GLY A 77 -26.61 8.99 0.95
N ARG A 78 -26.76 9.36 -0.32
CA ARG A 78 -28.01 9.88 -0.84
C ARG A 78 -28.01 9.64 -2.34
N THR A 79 -29.16 9.84 -2.96
CA THR A 79 -29.24 9.76 -4.41
C THR A 79 -28.33 10.81 -5.02
N PRO A 80 -27.45 10.45 -5.96
CA PRO A 80 -26.59 11.45 -6.58
C PRO A 80 -27.34 12.29 -7.61
N VAL A 81 -26.79 13.48 -7.87
CA VAL A 81 -27.26 14.35 -8.94
C VAL A 81 -26.09 14.68 -9.84
N VAL A 82 -26.40 15.26 -11.00
CA VAL A 82 -25.37 15.55 -11.99
C VAL A 82 -24.25 16.38 -11.38
N GLY A 83 -24.58 17.30 -10.47
CA GLY A 83 -23.57 18.14 -9.85
C GLY A 83 -22.52 17.35 -9.10
N ASP A 84 -22.89 16.21 -8.52
CA ASP A 84 -21.92 15.35 -7.87
C ASP A 84 -20.89 14.83 -8.86
N TYR A 85 -21.36 14.45 -10.06
CA TYR A 85 -20.43 13.95 -11.07
C TYR A 85 -19.59 15.06 -11.66
N THR A 86 -20.16 16.26 -11.81
CA THR A 86 -19.36 17.41 -12.20
C THR A 86 -18.22 17.62 -11.20
N ARG A 87 -18.52 17.60 -9.90
CA ARG A 87 -17.49 17.82 -8.90
C ARG A 87 -16.43 16.73 -8.96
N LEU A 88 -16.84 15.46 -8.96
CA LEU A 88 -15.88 14.36 -8.93
C LEU A 88 -15.05 14.29 -10.21
N GLY A 89 -15.69 14.55 -11.35
CA GLY A 89 -14.94 14.58 -12.60
C GLY A 89 -13.94 15.73 -12.64
N ALA A 90 -14.31 16.87 -12.07
CA ALA A 90 -13.35 17.97 -11.96
C ALA A 90 -12.18 17.59 -11.06
N GLU A 91 -12.46 16.84 -9.99
CA GLU A 91 -11.40 16.37 -9.10
C GLU A 91 -10.43 15.47 -9.85
N ILE A 92 -10.95 14.50 -10.61
CA ILE A 92 -10.08 13.66 -11.44
C ILE A 92 -9.27 14.51 -12.41
N GLY A 93 -9.95 15.42 -13.11
CA GLY A 93 -9.27 16.23 -14.10
C GLY A 93 -8.15 17.05 -13.50
N ARG A 94 -8.29 17.45 -12.24
CA ARG A 94 -7.26 18.25 -11.59
C ARG A 94 -6.13 17.39 -11.04
N ARG A 95 -6.43 16.20 -10.54
CA ARG A 95 -5.47 15.42 -9.76
C ARG A 95 -4.49 14.61 -10.62
N ILE A 96 -4.89 14.13 -11.80
CA ILE A 96 -3.99 13.32 -12.62
C ILE A 96 -2.80 14.16 -13.07
N ASP A 97 -1.58 13.64 -12.85
CA ASP A 97 -0.37 14.38 -13.23
C ASP A 97 0.05 14.00 -14.65
N MET A 98 -0.66 14.57 -15.64
CA MET A 98 -0.33 14.28 -17.03
C MET A 98 1.03 14.85 -17.42
N ALA A 99 1.54 15.81 -16.65
CA ALA A 99 2.83 16.39 -16.97
C ALA A 99 3.95 15.35 -16.96
N TYR A 100 3.81 14.28 -16.18
CA TYR A 100 4.80 13.21 -16.27
C TYR A 100 4.86 12.65 -17.69
N PHE A 101 3.70 12.51 -18.33
CA PHE A 101 3.66 12.03 -19.70
C PHE A 101 4.15 13.09 -20.67
N TYR A 102 3.71 14.34 -20.52
CA TYR A 102 4.17 15.39 -21.42
C TYR A 102 5.70 15.47 -21.41
N ASP A 103 6.27 15.58 -20.20
CA ASP A 103 7.71 15.62 -20.03
C ASP A 103 8.39 14.41 -20.67
N PHE A 104 7.92 13.20 -20.36
CA PHE A 104 8.57 12.01 -20.91
C PHE A 104 8.52 12.02 -22.44
N LEU A 105 7.32 12.21 -23.00
CA LEU A 105 7.16 12.12 -24.45
C LEU A 105 8.00 13.17 -25.17
N LYS A 106 8.03 14.39 -24.64
CA LYS A 106 8.85 15.43 -25.26
C LYS A 106 10.33 15.09 -25.14
N ASP A 107 10.77 14.75 -23.93
CA ASP A 107 12.19 14.54 -23.67
C ASP A 107 12.75 13.37 -24.49
N LYS A 108 11.96 12.32 -24.67
CA LYS A 108 12.41 11.12 -25.36
C LYS A 108 12.04 11.13 -26.84
N ASN A 109 11.51 12.24 -27.36
CA ASN A 109 11.09 12.34 -28.76
C ASN A 109 10.11 11.23 -29.13
N MET A 110 9.18 10.95 -28.23
CA MET A 110 8.18 9.89 -28.43
C MET A 110 6.76 10.42 -28.54
N ILE A 111 6.55 11.71 -28.76
CA ILE A 111 5.17 12.15 -28.98
C ILE A 111 4.61 11.38 -30.16
N PRO A 112 3.47 10.70 -30.03
CA PRO A 112 3.02 9.83 -31.13
C PRO A 112 2.76 10.63 -32.39
N LYS A 113 3.10 10.03 -33.53
CA LYS A 113 2.77 10.64 -34.82
C LYS A 113 1.27 10.83 -34.93
N TYR A 114 0.86 12.03 -35.33
CA TYR A 114 -0.55 12.37 -35.39
C TYR A 114 -1.21 11.63 -36.53
N LEU A 115 -2.18 10.78 -36.21
CA LEU A 115 -2.83 9.92 -37.18
C LEU A 115 -4.33 10.24 -37.27
N PRO A 116 -5.00 9.79 -38.33
CA PRO A 116 -6.41 10.17 -38.51
C PRO A 116 -7.31 9.82 -37.34
N TYR A 117 -7.12 8.65 -36.70
CA TYR A 117 -8.00 8.29 -35.59
C TYR A 117 -7.83 9.25 -34.42
N MET A 118 -6.62 9.79 -34.25
CA MET A 118 -6.38 10.81 -33.23
C MET A 118 -7.13 12.09 -33.55
N GLU A 119 -7.06 12.53 -34.81
CA GLU A 119 -7.82 13.70 -35.24
C GLU A 119 -9.32 13.47 -35.05
N GLU A 120 -9.80 12.27 -35.38
CA GLU A 120 -11.20 11.94 -35.19
C GLU A 120 -11.61 12.13 -33.73
N ILE A 121 -10.81 11.58 -32.82
CA ILE A 121 -11.14 11.72 -31.40
C ILE A 121 -11.04 13.19 -30.96
N ASN A 122 -10.04 13.92 -31.46
CA ASN A 122 -9.87 15.31 -31.07
C ASN A 122 -11.02 16.18 -31.55
N ARG A 123 -11.63 15.84 -32.69
CA ARG A 123 -12.73 16.61 -33.23
C ARG A 123 -14.02 16.40 -32.45
N MET A 124 -14.12 15.31 -31.69
CA MET A 124 -15.32 15.03 -30.94
C MET A 124 -15.55 16.04 -29.83
N ARG A 125 -16.81 16.30 -29.54
CA ARG A 125 -17.15 16.96 -28.29
C ARG A 125 -16.72 16.05 -27.14
N PRO A 126 -16.15 16.59 -26.06
CA PRO A 126 -15.87 15.75 -24.90
C PRO A 126 -17.05 14.88 -24.49
N ALA A 127 -18.27 15.44 -24.56
CA ALA A 127 -19.46 14.69 -24.21
C ALA A 127 -19.64 13.44 -25.05
N ASP A 128 -19.07 13.39 -26.26
CA ASP A 128 -19.29 12.29 -27.19
C ASP A 128 -18.14 11.29 -27.24
N VAL A 129 -17.05 11.52 -26.50
CA VAL A 129 -15.92 10.59 -26.51
C VAL A 129 -16.40 9.24 -25.98
N PRO A 130 -16.27 8.16 -26.73
CA PRO A 130 -16.80 6.87 -26.25
C PRO A 130 -15.94 6.29 -25.13
N VAL A 131 -16.62 5.70 -24.16
CA VAL A 131 -15.98 5.05 -23.02
C VAL A 131 -16.59 3.66 -22.84
N LYS A 132 -15.81 2.75 -22.27
CA LYS A 132 -16.23 1.37 -22.07
C LYS A 132 -16.33 1.05 -20.59
N TYR A 133 -17.50 0.60 -20.16
CA TYR A 133 -17.74 0.21 -18.77
C TYR A 133 -17.39 -1.26 -18.58
N MET A 134 -16.59 -1.56 -17.57
CA MET A 134 -16.24 -2.94 -17.27
C MET A 134 -17.07 -3.46 -16.11
N GLY B 3 1.03 -9.37 -30.99
CA GLY B 3 -0.13 -8.90 -30.26
C GLY B 3 -0.11 -7.40 -30.02
N ILE B 4 0.26 -7.00 -28.80
CA ILE B 4 0.42 -5.59 -28.47
C ILE B 4 1.91 -5.27 -28.52
N ASP B 5 2.22 -4.05 -28.93
CA ASP B 5 3.58 -3.55 -28.93
C ASP B 5 3.72 -2.61 -27.75
N TRP B 6 4.43 -3.06 -26.71
CA TRP B 6 4.44 -2.34 -25.44
C TRP B 6 5.86 -2.27 -24.91
N ASP B 7 6.08 -1.28 -24.05
CA ASP B 7 7.32 -1.18 -23.31
C ASP B 7 7.01 -0.44 -22.02
N VAL B 8 7.92 -0.54 -21.06
CA VAL B 8 7.85 0.25 -19.84
C VAL B 8 9.10 1.11 -19.78
N PHE B 9 8.93 2.37 -19.42
CA PHE B 9 10.03 3.32 -19.38
C PHE B 9 10.25 3.72 -17.93
N CYS B 10 11.32 3.20 -17.34
CA CYS B 10 11.59 3.33 -15.93
C CYS B 10 12.31 4.65 -15.64
N SER B 11 12.00 5.23 -14.48
CA SER B 11 12.61 6.49 -14.10
C SER B 11 13.91 6.27 -13.34
N GLN B 12 14.65 7.37 -13.16
CA GLN B 12 15.87 7.37 -12.37
C GLN B 12 15.62 7.79 -10.93
N ASN B 13 14.36 8.01 -10.54
CA ASN B 13 14.01 8.56 -9.24
C ASN B 13 12.68 7.99 -8.80
N GLU B 14 12.61 7.50 -7.56
CA GLU B 14 11.38 6.86 -7.07
C GLU B 14 10.22 7.82 -7.03
N ASN B 15 10.48 9.14 -7.04
CA ASN B 15 9.41 10.13 -7.02
C ASN B 15 8.82 10.40 -8.39
N ILE B 16 9.42 9.88 -9.45
CA ILE B 16 8.92 10.01 -10.81
C ILE B 16 8.36 8.65 -11.22
N PRO B 17 7.08 8.55 -11.53
CA PRO B 17 6.51 7.25 -11.89
C PRO B 17 7.06 6.72 -13.21
N ALA B 18 7.02 5.39 -13.34
CA ALA B 18 7.35 4.76 -14.61
C ALA B 18 6.20 4.96 -15.59
N LYS B 19 6.53 4.92 -16.88
CA LYS B 19 5.54 5.05 -17.94
C LYS B 19 5.44 3.77 -18.74
N PHE B 20 4.24 3.22 -18.80
CA PHE B 20 3.88 2.07 -19.62
C PHE B 20 3.18 2.58 -20.86
N ILE B 21 3.67 2.19 -22.03
CA ILE B 21 3.15 2.65 -23.31
C ILE B 21 2.93 1.44 -24.19
N SER B 22 1.73 1.33 -24.75
CA SER B 22 1.36 0.17 -25.53
C SER B 22 0.58 0.61 -26.75
N ARG B 23 0.79 -0.09 -27.86
CA ARG B 23 0.05 0.14 -29.09
C ARG B 23 -0.64 -1.16 -29.48
N LEU B 24 -1.93 -1.07 -29.76
CA LEU B 24 -2.66 -2.22 -30.27
C LEU B 24 -2.84 -1.96 -31.75
N VAL B 25 -2.09 -2.68 -32.57
CA VAL B 25 -2.20 -2.63 -34.02
C VAL B 25 -2.82 -3.95 -34.42
N ALA B 26 -4.06 -3.90 -34.90
CA ALA B 26 -4.84 -5.09 -35.18
C ALA B 26 -6.12 -4.68 -35.88
N PRO B 27 -6.76 -5.60 -36.62
CA PRO B 27 -8.07 -5.38 -37.22
C PRO B 27 -9.08 -4.70 -36.28
N VAL B 32 -8.69 -7.18 -27.59
CA VAL B 32 -8.38 -7.17 -26.16
C VAL B 32 -9.67 -6.96 -25.37
N GLU B 33 -10.19 -8.03 -24.78
CA GLU B 33 -11.43 -7.90 -24.02
C GLU B 33 -11.20 -7.07 -22.76
N LYS B 34 -10.14 -7.36 -22.01
CA LYS B 34 -9.83 -6.60 -20.82
C LYS B 34 -8.38 -6.82 -20.43
N MET B 35 -7.87 -5.86 -19.66
CA MET B 35 -6.54 -5.95 -19.08
C MET B 35 -6.61 -5.54 -17.62
N ASP B 36 -5.94 -6.29 -16.77
CA ASP B 36 -5.92 -6.03 -15.33
C ASP B 36 -4.47 -6.08 -14.87
N VAL B 37 -4.07 -5.06 -14.10
CA VAL B 37 -2.70 -4.93 -13.63
C VAL B 37 -2.71 -5.23 -12.14
N ASP B 38 -1.88 -6.19 -11.73
CA ASP B 38 -1.79 -6.66 -10.35
C ASP B 38 -0.75 -5.81 -9.64
N CYS B 39 -1.23 -4.79 -8.92
CA CYS B 39 -0.41 -3.77 -8.27
C CYS B 39 -0.47 -3.94 -6.75
N SER B 40 0.50 -3.34 -6.05
CA SER B 40 0.52 -3.48 -4.59
C SER B 40 -0.68 -2.81 -3.92
N ASN B 41 -1.37 -1.90 -4.62
CA ASN B 41 -2.56 -1.27 -4.08
C ASN B 41 -3.83 -1.85 -4.68
N GLY B 42 -3.73 -2.95 -5.43
CA GLY B 42 -4.93 -3.62 -5.90
C GLY B 42 -4.89 -4.02 -7.36
N LEU B 43 -5.98 -4.61 -7.85
CA LEU B 43 -6.08 -5.02 -9.24
C LEU B 43 -6.68 -3.86 -10.02
N VAL B 44 -5.88 -3.23 -10.88
CA VAL B 44 -6.25 -2.01 -11.56
C VAL B 44 -6.72 -2.38 -12.98
N PRO B 45 -7.97 -2.11 -13.34
CA PRO B 45 -8.43 -2.44 -14.70
C PRO B 45 -8.04 -1.37 -15.71
N ILE B 46 -7.63 -1.84 -16.89
CA ILE B 46 -7.19 -0.99 -17.99
C ILE B 46 -7.95 -1.41 -19.24
N THR B 47 -8.38 -0.44 -20.04
CA THR B 47 -9.01 -0.69 -21.32
C THR B 47 -8.02 -0.36 -22.43
N HIS B 48 -7.72 -1.35 -23.26
CA HIS B 48 -6.78 -1.19 -24.37
C HIS B 48 -7.53 -0.76 -25.62
N GLU B 49 -7.59 0.54 -25.86
CA GLU B 49 -8.21 1.02 -27.09
C GLU B 49 -7.28 0.73 -28.28
N HIS B 50 -7.86 0.72 -29.47
CA HIS B 50 -7.03 0.59 -30.67
C HIS B 50 -6.06 1.76 -30.73
N GLY B 51 -4.80 1.44 -31.04
CA GLY B 51 -3.74 2.43 -31.09
C GLY B 51 -3.06 2.65 -29.76
N PHE B 52 -2.80 3.91 -29.45
CA PHE B 52 -1.91 4.31 -28.37
C PHE B 52 -2.61 4.21 -27.02
N ASN B 53 -1.92 3.64 -26.02
CA ASN B 53 -2.42 3.59 -24.66
C ASN B 53 -1.26 3.81 -23.69
N MET B 54 -1.57 4.45 -22.56
CA MET B 54 -0.55 4.84 -21.59
C MET B 54 -1.05 4.57 -20.18
N MET B 55 -0.11 4.40 -19.26
CA MET B 55 -0.40 4.24 -17.84
C MET B 55 0.83 4.64 -17.04
N LEU B 56 0.60 5.24 -15.88
CA LEU B 56 1.67 5.52 -14.94
C LEU B 56 1.73 4.41 -13.91
N ILE B 57 2.94 4.09 -13.44
CA ILE B 57 3.13 3.11 -12.38
C ILE B 57 4.01 3.75 -11.33
N GLN B 58 3.47 3.91 -10.12
CA GLN B 58 4.13 4.62 -9.04
C GLN B 58 5.03 3.69 -8.24
N TYR B 59 6.21 4.20 -7.86
CA TYR B 59 7.18 3.43 -7.09
C TYR B 59 6.93 3.49 -5.59
N THR B 60 6.46 4.62 -5.09
CA THR B 60 6.30 4.81 -3.66
C THR B 60 4.92 4.33 -3.22
N ARG B 61 4.77 4.21 -1.91
CA ARG B 61 3.61 3.53 -1.33
C ARG B 61 2.31 4.25 -1.65
N ASN B 62 1.24 3.47 -1.62
CA ASN B 62 -0.11 3.99 -1.78
C ASN B 62 -0.41 4.99 -0.67
N LYS B 63 -0.86 6.18 -1.07
CA LYS B 63 -1.24 7.22 -0.10
C LYS B 63 -2.57 7.81 -0.49
N LEU B 64 -3.25 8.39 0.50
CA LEU B 64 -4.65 8.76 0.36
C LEU B 64 -4.86 9.70 -0.83
N LEU B 65 -4.03 10.72 -0.95
CA LEU B 65 -4.25 11.74 -1.98
C LEU B 65 -3.48 11.46 -3.25
N ASP B 66 -3.09 10.21 -3.49
CA ASP B 66 -2.52 9.89 -4.79
C ASP B 66 -3.61 10.10 -5.84
N SER B 67 -3.25 9.88 -7.09
CA SER B 67 -4.20 10.05 -8.17
C SER B 67 -5.21 8.91 -8.15
N PRO B 68 -6.48 9.15 -8.46
CA PRO B 68 -7.41 8.03 -8.53
C PRO B 68 -6.96 7.06 -9.61
N GLY B 69 -7.10 5.77 -9.34
CA GLY B 69 -6.78 4.74 -10.30
C GLY B 69 -5.31 4.42 -10.44
N MET B 70 -4.46 5.00 -9.61
CA MET B 70 -3.02 4.77 -9.70
C MET B 70 -2.67 3.31 -9.45
N CYS B 71 -1.66 2.83 -10.16
CA CYS B 71 -1.09 1.51 -9.92
C CYS B 71 0.25 1.70 -9.24
N VAL B 72 0.41 1.10 -8.07
CA VAL B 72 1.66 1.15 -7.32
C VAL B 72 2.38 -0.17 -7.55
N PHE B 73 3.68 -0.09 -7.86
CA PHE B 73 4.53 -1.27 -8.00
C PHE B 73 4.50 -2.13 -6.75
N TRP B 74 4.66 -3.43 -6.93
CA TRP B 74 5.15 -4.29 -5.86
C TRP B 74 6.66 -4.12 -5.71
N GLY B 75 7.14 -4.37 -4.50
CA GLY B 75 8.55 -4.21 -4.20
C GLY B 75 8.75 -3.19 -3.11
N PRO B 76 10.01 -2.79 -2.86
CA PRO B 76 11.22 -3.21 -3.59
C PRO B 76 11.70 -4.61 -3.26
N TYR B 77 12.36 -5.24 -4.22
CA TYR B 77 12.96 -6.56 -4.05
C TYR B 77 14.47 -6.47 -4.23
N SER B 78 15.19 -7.21 -3.38
CA SER B 78 16.61 -7.43 -3.61
C SER B 78 16.80 -8.35 -4.81
N VAL B 79 17.92 -8.15 -5.52
CA VAL B 79 18.24 -8.96 -6.69
C VAL B 79 19.64 -9.54 -6.56
N PRO B 80 19.92 -10.67 -7.21
CA PRO B 80 21.24 -11.28 -7.11
C PRO B 80 22.27 -10.53 -7.94
N LYS B 81 23.52 -10.61 -7.51
CA LYS B 81 24.67 -10.12 -8.24
C LYS B 81 24.79 -8.60 -8.28
N ASN B 82 23.78 -7.89 -7.76
CA ASN B 82 23.90 -6.45 -7.52
C ASN B 82 23.19 -6.13 -6.22
N ASP B 83 23.97 -5.79 -5.20
CA ASP B 83 23.42 -5.45 -3.90
C ASP B 83 23.11 -3.96 -3.78
N THR B 84 23.34 -3.19 -4.84
CA THR B 84 23.17 -1.74 -4.82
C THR B 84 21.93 -1.27 -5.57
N VAL B 85 21.06 -2.19 -6.01
CA VAL B 85 19.86 -1.86 -6.78
C VAL B 85 18.72 -2.70 -6.22
N VAL B 86 17.48 -2.20 -6.42
CA VAL B 86 16.28 -2.94 -6.05
C VAL B 86 15.35 -3.04 -7.24
N LEU B 87 14.47 -4.04 -7.21
CA LEU B 87 13.53 -4.30 -8.28
C LEU B 87 12.10 -3.96 -7.85
N TYR B 88 11.38 -3.30 -8.75
CA TYR B 88 9.95 -3.05 -8.61
C TYR B 88 9.21 -3.73 -9.75
N THR B 89 8.07 -4.35 -9.45
CA THR B 89 7.39 -5.11 -10.48
C THR B 89 5.88 -5.09 -10.30
N VAL B 90 5.19 -5.17 -11.43
CA VAL B 90 3.79 -5.57 -11.49
C VAL B 90 3.66 -6.57 -12.63
N THR B 91 2.56 -7.30 -12.64
CA THR B 91 2.18 -8.17 -13.74
C THR B 91 0.80 -7.77 -14.24
N ALA B 92 0.53 -8.07 -15.51
CA ALA B 92 -0.76 -7.78 -16.10
C ALA B 92 -1.24 -8.99 -16.89
N ARG B 93 -2.56 -9.17 -16.91
CA ARG B 93 -3.17 -10.24 -17.68
C ARG B 93 -4.11 -9.61 -18.71
N LEU B 94 -3.89 -9.96 -19.96
CA LEU B 94 -4.76 -9.56 -21.07
C LEU B 94 -5.59 -10.77 -21.50
N LYS B 95 -6.91 -10.62 -21.48
CA LYS B 95 -7.81 -11.63 -22.01
C LYS B 95 -8.28 -11.15 -23.37
N TRP B 96 -8.04 -11.96 -24.39
CA TRP B 96 -8.40 -11.63 -25.76
C TRP B 96 -9.74 -12.25 -26.12
N SER B 97 -10.30 -11.80 -27.23
CA SER B 97 -11.46 -12.45 -27.81
C SER B 97 -11.03 -13.83 -28.30
N GLU B 98 -11.57 -14.88 -27.66
CA GLU B 98 -11.42 -16.29 -28.02
C GLU B 98 -9.97 -16.77 -28.05
N GLY B 99 -9.01 -15.89 -27.75
CA GLY B 99 -7.62 -16.27 -27.80
C GLY B 99 -7.07 -16.55 -26.41
N PRO B 100 -5.85 -17.12 -26.36
CA PRO B 100 -5.29 -17.42 -25.03
C PRO B 100 -4.91 -16.15 -24.33
N PRO B 101 -4.89 -16.16 -22.99
CA PRO B 101 -4.51 -14.95 -22.27
C PRO B 101 -3.02 -14.66 -22.37
N THR B 102 -2.68 -13.39 -22.22
CA THR B 102 -1.30 -12.92 -22.23
C THR B 102 -0.95 -12.42 -20.84
N ASP B 103 0.13 -12.93 -20.27
CA ASP B 103 0.64 -12.48 -18.97
C ASP B 103 1.90 -11.67 -19.20
N LEU B 104 1.89 -10.41 -18.77
CA LEU B 104 3.02 -9.51 -18.94
C LEU B 104 3.73 -9.29 -17.62
N SER B 105 5.06 -9.19 -17.68
CA SER B 105 5.88 -8.78 -16.55
C SER B 105 6.37 -7.37 -16.81
N ILE B 106 6.02 -6.44 -15.92
CA ILE B 106 6.38 -5.04 -16.03
C ILE B 106 7.34 -4.74 -14.89
N GLN B 107 8.61 -4.50 -15.21
CA GLN B 107 9.68 -4.46 -14.23
C GLN B 107 10.54 -3.22 -14.40
N CYS B 108 10.96 -2.65 -13.27
CA CYS B 108 11.85 -1.49 -13.23
C CYS B 108 12.85 -1.64 -12.11
N TYR B 109 14.11 -1.34 -12.41
CA TYR B 109 15.18 -1.31 -11.43
C TYR B 109 15.44 0.11 -10.94
N MET B 110 15.60 0.25 -9.63
CA MET B 110 15.90 1.55 -9.02
C MET B 110 17.16 1.42 -8.18
N PRO B 111 18.12 2.34 -8.32
CA PRO B 111 19.31 2.29 -7.45
C PRO B 111 18.97 2.48 -5.98
N LYS B 112 19.69 1.76 -5.12
CA LYS B 112 19.62 2.00 -3.68
C LYS B 112 20.31 3.31 -3.31
N SER B 113 19.93 3.85 -2.16
CA SER B 113 20.76 4.87 -1.52
C SER B 113 22.03 4.21 -1.00
N PRO B 114 23.22 4.71 -1.36
CA PRO B 114 24.48 4.01 -0.99
C PRO B 114 24.95 4.32 0.43
N ASP B 115 24.16 3.89 1.41
CA ASP B 115 24.44 4.18 2.80
C ASP B 115 25.51 3.22 3.34
N ALA B 116 26.41 3.75 4.16
CA ALA B 116 27.44 2.92 4.77
C ALA B 116 26.82 1.92 5.73
N PRO B 117 27.28 0.68 5.74
CA PRO B 117 26.74 -0.30 6.69
C PRO B 117 27.11 0.05 8.13
N LYS B 118 26.42 -0.59 9.06
CA LYS B 118 26.61 -0.34 10.49
C LYS B 118 26.60 -1.67 11.22
N PRO B 119 27.26 -1.76 12.37
CA PRO B 119 27.36 -3.05 13.06
C PRO B 119 25.99 -3.57 13.47
N GLU B 120 25.85 -4.90 13.46
CA GLU B 120 24.60 -5.52 13.87
C GLU B 120 24.29 -5.19 15.31
N ALA B 121 23.03 -4.80 15.56
CA ALA B 121 22.63 -4.32 16.88
C ALA B 121 22.96 -5.33 17.97
N CYS B 122 22.77 -6.62 17.69
CA CYS B 122 22.95 -7.65 18.71
C CYS B 122 24.39 -7.77 19.18
N LEU B 123 25.32 -6.97 18.63
CA LEU B 123 26.69 -6.94 19.09
C LEU B 123 26.92 -5.78 20.06
N PRO C 8 7.06 -29.43 25.64
CA PRO C 8 7.48 -28.34 24.75
C PRO C 8 8.25 -28.84 23.52
N LYS C 9 7.75 -29.90 22.90
CA LYS C 9 8.38 -30.51 21.73
C LYS C 9 7.49 -30.35 20.52
N PHE C 10 8.09 -29.92 19.40
CA PHE C 10 7.35 -29.90 18.14
C PHE C 10 7.09 -31.32 17.64
N LEU C 11 8.08 -32.19 17.74
CA LEU C 11 7.98 -33.58 17.32
C LEU C 11 8.70 -34.46 18.33
N ASN C 12 8.16 -35.63 18.61
CA ASN C 12 8.83 -36.56 19.49
C ASN C 12 10.26 -36.77 18.99
N LYS C 13 11.20 -36.88 19.92
CA LYS C 13 12.61 -36.94 19.54
C LYS C 13 12.87 -38.21 18.75
N ALA C 14 12.20 -39.31 19.10
CA ALA C 14 12.40 -40.58 18.41
C ALA C 14 12.01 -40.48 16.95
N PHE C 15 10.91 -39.79 16.66
CA PHE C 15 10.45 -39.61 15.28
C PHE C 15 11.46 -38.79 14.50
N GLU C 16 11.93 -37.69 15.10
CA GLU C 16 12.96 -36.86 14.48
C GLU C 16 14.20 -37.70 14.14
N VAL C 17 14.67 -38.50 15.10
CA VAL C 17 15.89 -39.29 14.86
C VAL C 17 15.68 -40.27 13.72
N ALA C 18 14.54 -40.97 13.73
CA ALA C 18 14.27 -41.90 12.63
C ALA C 18 14.32 -41.18 11.29
N LEU C 19 13.62 -40.06 11.20
CA LEU C 19 13.60 -39.27 9.97
C LEU C 19 15.00 -38.89 9.53
N LYS C 20 15.76 -38.24 10.42
CA LYS C 20 17.07 -37.72 10.03
C LYS C 20 18.01 -38.85 9.60
N VAL C 21 18.04 -39.94 10.36
CA VAL C 21 18.91 -41.07 10.00
C VAL C 21 18.59 -41.55 8.60
N GLN C 22 17.30 -41.74 8.31
CA GLN C 22 16.94 -42.29 7.00
C GLN C 22 17.19 -41.28 5.87
N ILE C 23 16.90 -40.01 6.12
CA ILE C 23 17.11 -38.99 5.09
C ILE C 23 18.59 -38.90 4.73
N ILE C 24 19.44 -38.74 5.74
CA ILE C 24 20.87 -38.62 5.48
C ILE C 24 21.42 -39.89 4.88
N ALA C 25 20.94 -41.05 5.34
CA ALA C 25 21.41 -42.30 4.75
C ALA C 25 21.09 -42.34 3.26
N GLY C 26 19.89 -41.92 2.87
CA GLY C 26 19.53 -41.95 1.46
C GLY C 26 20.35 -40.98 0.63
N PHE C 27 20.47 -39.73 1.11
CA PHE C 27 21.32 -38.76 0.43
C PHE C 27 22.73 -39.31 0.26
N ASP C 28 23.28 -39.91 1.32
CA ASP C 28 24.65 -40.41 1.27
C ASP C 28 24.77 -41.55 0.28
N ARG C 29 23.78 -42.44 0.21
CA ARG C 29 23.82 -43.51 -0.77
C ARG C 29 23.88 -42.93 -2.19
N GLY C 30 23.04 -41.92 -2.46
CA GLY C 30 23.13 -41.23 -3.73
C GLY C 30 24.51 -40.64 -4.00
N LEU C 31 25.12 -40.03 -2.97
CA LEU C 31 26.43 -39.43 -3.14
C LEU C 31 27.51 -40.47 -3.41
N VAL C 32 27.43 -41.64 -2.75
CA VAL C 32 28.39 -42.71 -3.03
C VAL C 32 28.26 -43.14 -4.49
N LYS C 33 27.02 -43.40 -4.93
CA LYS C 33 26.83 -43.75 -6.33
C LYS C 33 27.43 -42.71 -7.26
N TRP C 34 27.23 -41.42 -6.96
CA TRP C 34 27.74 -40.37 -7.83
C TRP C 34 29.26 -40.32 -7.80
N LEU C 35 29.85 -40.54 -6.62
CA LEU C 35 31.30 -40.47 -6.47
C LEU C 35 32.02 -41.62 -7.17
N ARG C 36 31.40 -42.80 -7.25
CA ARG C 36 32.01 -43.88 -8.01
C ARG C 36 32.27 -43.47 -9.46
N VAL C 37 31.53 -42.51 -9.97
CA VAL C 37 31.68 -42.02 -11.33
C VAL C 37 32.62 -40.82 -11.33
N HIS C 38 32.29 -39.80 -10.56
CA HIS C 38 33.01 -38.54 -10.61
C HIS C 38 34.02 -38.34 -9.47
N GLY C 39 34.20 -39.33 -8.60
CA GLY C 39 35.00 -39.07 -7.41
C GLY C 39 36.48 -39.01 -7.68
N ARG C 40 36.93 -39.57 -8.80
CA ARG C 40 38.35 -39.53 -9.15
C ARG C 40 38.84 -38.09 -9.28
N THR C 41 37.98 -37.19 -9.76
CA THR C 41 38.34 -35.81 -10.02
C THR C 41 38.38 -34.95 -8.77
N LEU C 42 37.77 -35.39 -7.67
CA LEU C 42 37.57 -34.53 -6.50
C LEU C 42 38.64 -34.79 -5.45
N SER C 43 39.07 -33.71 -4.78
CA SER C 43 39.96 -33.82 -3.64
C SER C 43 39.19 -34.39 -2.44
N THR C 44 39.94 -34.76 -1.40
CA THR C 44 39.32 -35.28 -0.19
C THR C 44 38.38 -34.26 0.44
N VAL C 45 38.84 -33.00 0.54
CA VAL C 45 38.03 -31.99 1.22
C VAL C 45 36.77 -31.67 0.42
N GLN C 46 36.84 -31.77 -0.92
CA GLN C 46 35.64 -31.56 -1.72
C GLN C 46 34.61 -32.64 -1.45
N LYS C 47 35.05 -33.90 -1.39
CA LYS C 47 34.15 -35.00 -1.06
C LYS C 47 33.51 -34.79 0.31
N LYS C 48 34.32 -34.42 1.31
CA LYS C 48 33.76 -34.14 2.62
C LYS C 48 32.76 -32.98 2.56
N ALA C 49 33.04 -31.98 1.73
CA ALA C 49 32.12 -30.86 1.56
C ALA C 49 30.79 -31.31 0.99
N LEU C 50 30.80 -32.31 0.09
CA LEU C 50 29.55 -32.80 -0.45
C LEU C 50 28.77 -33.62 0.59
N TYR C 51 29.47 -34.38 1.43
CA TYR C 51 28.77 -35.02 2.54
C TYR C 51 28.09 -33.96 3.44
N PHE C 52 28.83 -32.89 3.75
CA PHE C 52 28.21 -31.77 4.46
C PHE C 52 27.00 -31.25 3.72
N VAL C 53 27.10 -31.12 2.39
CA VAL C 53 25.97 -30.61 1.60
C VAL C 53 24.73 -31.47 1.82
N ASN C 54 24.90 -32.78 1.93
CA ASN C 54 23.75 -33.63 2.21
C ASN C 54 23.11 -33.26 3.54
N ARG C 55 23.92 -33.19 4.61
CA ARG C 55 23.34 -32.91 5.92
C ARG C 55 22.71 -31.53 5.97
N ARG C 56 23.39 -30.54 5.40
CA ARG C 56 22.90 -29.17 5.38
C ARG C 56 21.63 -29.05 4.55
N TYR C 57 21.53 -29.81 3.46
CA TYR C 57 20.28 -29.81 2.70
C TYR C 57 19.11 -30.26 3.55
N MET C 58 19.31 -31.34 4.33
CA MET C 58 18.25 -31.73 5.27
C MET C 58 17.93 -30.59 6.22
N GLN C 59 18.95 -29.91 6.75
CA GLN C 59 18.71 -28.82 7.69
C GLN C 59 17.87 -27.72 7.03
N THR C 60 18.27 -27.29 5.83
CA THR C 60 17.60 -26.21 5.15
C THR C 60 16.15 -26.54 4.86
N HIS C 61 15.85 -27.79 4.50
CA HIS C 61 14.51 -28.11 4.02
C HIS C 61 13.65 -28.85 5.04
N TRP C 62 14.13 -28.98 6.28
CA TRP C 62 13.40 -29.72 7.29
C TRP C 62 11.95 -29.24 7.44
N ALA C 63 11.73 -27.92 7.42
CA ALA C 63 10.38 -27.41 7.68
C ALA C 63 9.38 -27.83 6.59
N ASN C 64 9.79 -27.80 5.32
CA ASN C 64 8.88 -28.25 4.27
C ASN C 64 8.77 -29.77 4.25
N TYR C 65 9.87 -30.47 4.59
CA TYR C 65 9.74 -31.90 4.83
C TYR C 65 8.68 -32.18 5.87
N MET C 66 8.62 -31.36 6.92
CA MET C 66 7.62 -31.58 7.96
C MET C 66 6.21 -31.30 7.45
N LEU C 67 6.03 -30.34 6.54
CA LEU C 67 4.70 -30.20 5.93
C LEU C 67 4.27 -31.50 5.24
N TRP C 68 5.16 -32.07 4.42
CA TRP C 68 4.82 -33.30 3.70
C TRP C 68 4.59 -34.47 4.66
N ILE C 69 5.50 -34.63 5.62
CA ILE C 69 5.41 -35.69 6.62
C ILE C 69 4.10 -35.58 7.38
N ASN C 70 3.78 -34.38 7.86
CA ASN C 70 2.55 -34.21 8.62
C ASN C 70 1.35 -34.61 7.78
N LYS C 71 1.36 -34.30 6.48
CA LYS C 71 0.25 -34.75 5.65
C LYS C 71 0.14 -36.27 5.63
N LYS C 72 1.25 -36.97 5.38
CA LYS C 72 1.19 -38.43 5.30
C LYS C 72 0.76 -39.04 6.63
N ILE C 73 1.40 -38.61 7.72
CA ILE C 73 1.05 -39.10 9.05
C ILE C 73 -0.43 -38.91 9.32
N ASP C 74 -0.95 -37.71 9.01
CA ASP C 74 -2.37 -37.46 9.21
C ASP C 74 -3.22 -38.41 8.38
N ALA C 75 -2.77 -38.73 7.16
CA ALA C 75 -3.52 -39.66 6.32
C ALA C 75 -3.52 -41.08 6.88
N LEU C 76 -2.58 -41.40 7.78
CA LEU C 76 -2.58 -42.74 8.38
C LEU C 76 -3.89 -43.02 9.11
N GLY C 77 -4.52 -42.02 9.72
CA GLY C 77 -5.74 -42.23 10.46
C GLY C 77 -5.56 -42.96 11.79
N ARG C 78 -4.37 -42.88 12.39
CA ARG C 78 -4.10 -43.51 13.67
C ARG C 78 -2.91 -42.81 14.30
N THR C 79 -2.67 -43.13 15.57
CA THR C 79 -1.45 -42.66 16.23
C THR C 79 -0.26 -43.18 15.45
N PRO C 80 0.72 -42.34 15.11
CA PRO C 80 1.91 -42.84 14.42
C PRO C 80 2.82 -43.58 15.37
N VAL C 81 3.67 -44.43 14.77
CA VAL C 81 4.73 -45.11 15.47
C VAL C 81 6.05 -44.77 14.78
N VAL C 82 7.16 -45.09 15.44
CA VAL C 82 8.47 -44.74 14.90
C VAL C 82 8.65 -45.32 13.50
N GLY C 83 8.09 -46.51 13.25
CA GLY C 83 8.25 -47.12 11.93
C GLY C 83 7.67 -46.29 10.80
N ASP C 84 6.58 -45.55 11.08
CA ASP C 84 6.02 -44.66 10.07
C ASP C 84 7.02 -43.58 9.66
N TYR C 85 7.72 -43.01 10.63
CA TYR C 85 8.69 -41.97 10.34
C TYR C 85 9.94 -42.56 9.70
N THR C 86 10.34 -43.76 10.11
CA THR C 86 11.44 -44.44 9.42
C THR C 86 11.12 -44.59 7.95
N ARG C 87 9.92 -45.08 7.64
CA ARG C 87 9.52 -45.26 6.25
C ARG C 87 9.49 -43.93 5.50
N LEU C 88 8.83 -42.92 6.07
CA LEU C 88 8.71 -41.65 5.34
C LEU C 88 10.08 -41.00 5.14
N GLY C 89 10.96 -41.10 6.14
CA GLY C 89 12.30 -40.56 5.98
C GLY C 89 13.07 -41.29 4.91
N ALA C 90 12.87 -42.61 4.80
CA ALA C 90 13.47 -43.37 3.71
C ALA C 90 12.91 -42.90 2.36
N GLU C 91 11.61 -42.61 2.31
CA GLU C 91 11.02 -42.12 1.07
C GLU C 91 11.63 -40.79 0.65
N ILE C 92 11.76 -39.86 1.59
CA ILE C 92 12.43 -38.60 1.29
C ILE C 92 13.85 -38.89 0.79
N GLY C 93 14.57 -39.76 1.50
CA GLY C 93 15.94 -40.05 1.13
C GLY C 93 16.08 -40.64 -0.27
N ARG C 94 15.08 -41.39 -0.73
CA ARG C 94 15.14 -42.00 -2.05
C ARG C 94 14.68 -41.06 -3.16
N ARG C 95 13.64 -40.27 -2.90
CA ARG C 95 12.99 -39.58 -4.01
C ARG C 95 13.76 -38.36 -4.46
N ILE C 96 14.44 -37.66 -3.55
CA ILE C 96 15.23 -36.49 -3.90
C ILE C 96 16.46 -36.90 -4.70
N ASP C 97 16.65 -36.28 -5.86
CA ASP C 97 17.80 -36.52 -6.74
C ASP C 97 18.86 -35.46 -6.47
N MET C 98 19.76 -35.73 -5.51
CA MET C 98 20.81 -34.77 -5.16
C MET C 98 21.81 -34.55 -6.29
N ALA C 99 21.81 -35.41 -7.32
CA ALA C 99 22.74 -35.26 -8.43
C ALA C 99 22.58 -33.93 -9.15
N TYR C 100 21.39 -33.32 -9.12
CA TYR C 100 21.28 -31.96 -9.67
C TYR C 100 22.28 -31.04 -9.00
N PHE C 101 22.43 -31.18 -7.69
CA PHE C 101 23.39 -30.37 -6.96
C PHE C 101 24.82 -30.85 -7.18
N TYR C 102 25.08 -32.16 -7.06
CA TYR C 102 26.45 -32.64 -7.25
C TYR C 102 26.98 -32.26 -8.64
N ASP C 103 26.22 -32.62 -9.68
CA ASP C 103 26.59 -32.25 -11.04
C ASP C 103 26.79 -30.74 -11.15
N PHE C 104 25.81 -29.95 -10.70
CA PHE C 104 25.94 -28.51 -10.86
C PHE C 104 27.19 -27.98 -10.16
N LEU C 105 27.39 -28.35 -8.89
CA LEU C 105 28.51 -27.82 -8.12
C LEU C 105 29.84 -28.26 -8.73
N LYS C 106 29.94 -29.50 -9.19
CA LYS C 106 31.17 -29.96 -9.82
C LYS C 106 31.44 -29.19 -11.11
N ASP C 107 30.45 -29.12 -12.00
CA ASP C 107 30.63 -28.50 -13.31
C ASP C 107 30.94 -27.03 -13.19
N LYS C 108 30.37 -26.34 -12.21
CA LYS C 108 30.59 -24.91 -12.05
C LYS C 108 31.75 -24.59 -11.13
N ASN C 109 32.47 -25.61 -10.65
CA ASN C 109 33.55 -25.41 -9.69
C ASN C 109 33.07 -24.61 -8.49
N MET C 110 31.87 -24.94 -8.01
CA MET C 110 31.24 -24.22 -6.91
C MET C 110 31.12 -25.06 -5.64
N ILE C 111 31.81 -26.19 -5.57
CA ILE C 111 31.80 -26.95 -4.32
C ILE C 111 32.32 -26.06 -3.21
N PRO C 112 31.59 -25.91 -2.10
CA PRO C 112 32.00 -24.93 -1.08
C PRO C 112 33.34 -25.29 -0.46
N LYS C 113 34.13 -24.25 -0.16
CA LYS C 113 35.36 -24.44 0.58
C LYS C 113 35.04 -25.09 1.92
N TYR C 114 35.77 -26.15 2.25
CA TYR C 114 35.50 -26.92 3.47
C TYR C 114 35.97 -26.14 4.69
N LEU C 115 35.03 -25.86 5.59
CA LEU C 115 35.28 -25.04 6.77
C LEU C 115 35.02 -25.83 8.04
N PRO C 116 35.53 -25.35 9.19
CA PRO C 116 35.37 -26.12 10.43
C PRO C 116 33.92 -26.43 10.79
N TYR C 117 32.98 -25.51 10.56
CA TYR C 117 31.60 -25.80 10.92
C TYR C 117 31.06 -26.96 10.09
N MET C 118 31.53 -27.10 8.85
CA MET C 118 31.16 -28.24 8.03
C MET C 118 31.75 -29.53 8.60
N GLU C 119 33.02 -29.51 8.98
CA GLU C 119 33.62 -30.68 9.62
C GLU C 119 32.86 -31.05 10.87
N GLU C 120 32.47 -30.07 11.67
CA GLU C 120 31.69 -30.30 12.87
C GLU C 120 30.38 -31.02 12.54
N ILE C 121 29.67 -30.55 11.52
CA ILE C 121 28.42 -31.23 11.15
C ILE C 121 28.69 -32.64 10.65
N ASN C 122 29.76 -32.82 9.88
CA ASN C 122 30.08 -34.14 9.33
C ASN C 122 30.48 -35.12 10.43
N ARG C 123 31.11 -34.65 11.51
CA ARG C 123 31.52 -35.58 12.57
C ARG C 123 30.39 -36.04 13.46
N MET C 124 29.30 -35.28 13.57
CA MET C 124 28.21 -35.73 14.42
C MET C 124 27.51 -36.91 13.78
N ARG C 125 26.93 -37.76 14.62
CA ARG C 125 26.03 -38.79 14.13
C ARG C 125 24.84 -38.14 13.44
N PRO C 126 24.36 -38.70 12.32
CA PRO C 126 23.14 -38.16 11.70
C PRO C 126 22.01 -37.91 12.69
N ALA C 127 21.85 -38.80 13.68
CA ALA C 127 20.78 -38.62 14.65
C ALA C 127 20.91 -37.31 15.41
N ASP C 128 22.11 -36.73 15.49
CA ASP C 128 22.37 -35.53 16.29
C ASP C 128 22.43 -34.25 15.46
N VAL C 129 22.27 -34.32 14.14
CA VAL C 129 22.30 -33.12 13.31
C VAL C 129 21.13 -32.23 13.73
N PRO C 130 21.39 -30.99 14.17
CA PRO C 130 20.27 -30.16 14.65
C PRO C 130 19.40 -29.66 13.50
N VAL C 131 18.09 -29.65 13.75
CA VAL C 131 17.12 -29.18 12.77
C VAL C 131 16.17 -28.19 13.45
N LYS C 132 15.63 -27.29 12.66
CA LYS C 132 14.70 -26.26 13.11
C LYS C 132 13.35 -26.54 12.44
N TYR C 133 12.29 -26.64 13.25
CA TYR C 133 10.97 -27.01 12.75
C TYR C 133 10.21 -25.84 12.15
N MET C 134 10.52 -24.62 12.57
CA MET C 134 9.81 -23.47 12.11
C MET C 134 10.55 -22.81 10.96
N THR D 2 24.37 -6.32 7.65
CA THR D 2 24.59 -7.71 7.31
C THR D 2 23.39 -8.28 6.56
N GLY D 3 23.65 -9.17 5.62
CA GLY D 3 22.61 -9.84 4.86
C GLY D 3 23.06 -11.19 4.37
N ILE D 4 22.32 -11.79 3.46
CA ILE D 4 22.73 -13.05 2.83
C ILE D 4 23.36 -12.72 1.50
N ASP D 5 24.34 -13.52 1.11
CA ASP D 5 24.98 -13.43 -0.19
C ASP D 5 24.47 -14.61 -1.02
N TRP D 6 23.67 -14.31 -2.04
CA TRP D 6 22.94 -15.34 -2.75
C TRP D 6 22.99 -15.08 -4.25
N ASP D 7 22.71 -16.13 -5.00
CA ASP D 7 22.54 -16.03 -6.44
C ASP D 7 21.59 -17.14 -6.88
N VAL D 8 21.04 -16.96 -8.08
CA VAL D 8 20.24 -17.99 -8.72
C VAL D 8 20.94 -18.37 -10.01
N PHE D 9 21.01 -19.66 -10.27
CA PHE D 9 21.68 -20.17 -11.45
C PHE D 9 20.60 -20.80 -12.31
N CYS D 10 20.21 -20.08 -13.34
CA CYS D 10 19.11 -20.47 -14.18
C CYS D 10 19.60 -21.43 -15.24
N SER D 11 18.80 -22.43 -15.52
CA SER D 11 19.11 -23.26 -16.66
C SER D 11 18.49 -22.60 -17.87
N GLN D 12 18.96 -22.96 -19.05
CA GLN D 12 18.34 -22.51 -20.28
C GLN D 12 17.35 -23.52 -20.77
N ASN D 13 16.99 -24.47 -19.91
CA ASN D 13 16.20 -25.63 -20.30
C ASN D 13 15.26 -25.97 -19.16
N GLU D 14 13.98 -26.16 -19.50
CA GLU D 14 12.97 -26.42 -18.49
C GLU D 14 13.21 -27.73 -17.76
N ASN D 15 14.03 -28.63 -18.30
CA ASN D 15 14.24 -29.91 -17.63
C ASN D 15 15.24 -29.84 -16.50
N ILE D 16 16.02 -28.77 -16.41
CA ILE D 16 16.99 -28.59 -15.33
C ILE D 16 16.42 -27.51 -14.41
N PRO D 17 16.11 -27.83 -13.15
CA PRO D 17 15.62 -26.79 -12.25
C PRO D 17 16.71 -25.77 -12.00
N ALA D 18 16.30 -24.55 -11.66
CA ALA D 18 17.25 -23.52 -11.28
C ALA D 18 17.85 -23.84 -9.93
N LYS D 19 19.04 -23.31 -9.67
CA LYS D 19 19.75 -23.54 -8.42
C LYS D 19 19.80 -22.23 -7.65
N PHE D 20 19.28 -22.25 -6.43
CA PHE D 20 19.42 -21.13 -5.51
C PHE D 20 20.49 -21.48 -4.51
N ILE D 21 21.50 -20.64 -4.39
CA ILE D 21 22.63 -20.89 -3.50
C ILE D 21 22.87 -19.63 -2.69
N SER D 22 22.91 -19.78 -1.37
CA SER D 22 23.03 -18.65 -0.48
C SER D 22 23.95 -18.98 0.68
N ARG D 23 24.72 -17.99 1.10
CA ARG D 23 25.59 -18.08 2.27
C ARG D 23 25.28 -16.95 3.22
N LEU D 24 25.12 -17.29 4.50
CA LEU D 24 24.95 -16.31 5.56
C LEU D 24 26.22 -16.26 6.39
N VAL D 25 26.92 -15.13 6.33
CA VAL D 25 28.05 -14.86 7.20
C VAL D 25 27.59 -13.74 8.12
N ALA D 26 27.32 -14.07 9.37
CA ALA D 26 26.78 -13.11 10.31
C ALA D 26 27.27 -13.46 11.69
N PRO D 27 27.27 -12.51 12.62
CA PRO D 27 27.45 -12.87 14.03
C PRO D 27 26.36 -13.86 14.45
N LYS D 28 26.73 -14.76 15.37
CA LYS D 28 25.80 -15.80 15.77
C LYS D 28 24.53 -15.21 16.38
N CYS D 29 24.58 -13.98 16.88
CA CYS D 29 23.41 -13.35 17.47
C CYS D 29 22.39 -12.90 16.44
N LEU D 30 22.74 -12.88 15.16
CA LEU D 30 21.80 -12.57 14.10
C LEU D 30 21.35 -13.86 13.45
N ALA D 31 20.04 -14.07 13.37
CA ALA D 31 19.48 -15.26 12.78
C ALA D 31 18.35 -14.91 11.82
N VAL D 32 18.16 -15.77 10.83
CA VAL D 32 16.97 -15.72 9.98
C VAL D 32 15.92 -16.56 10.69
N GLU D 33 14.96 -15.89 11.32
CA GLU D 33 13.93 -16.59 12.08
C GLU D 33 12.99 -17.35 11.16
N LYS D 34 12.67 -16.78 10.00
CA LYS D 34 11.81 -17.49 9.06
C LYS D 34 12.21 -17.11 7.64
N MET D 35 12.04 -18.06 6.74
CA MET D 35 12.19 -17.80 5.32
C MET D 35 11.13 -18.57 4.59
N ASP D 36 10.50 -17.91 3.62
CA ASP D 36 9.44 -18.51 2.83
C ASP D 36 9.63 -18.12 1.38
N VAL D 37 9.45 -19.09 0.48
CA VAL D 37 9.57 -18.87 -0.95
C VAL D 37 8.17 -18.98 -1.54
N ASP D 38 7.75 -17.93 -2.24
CA ASP D 38 6.40 -17.86 -2.80
C ASP D 38 6.42 -18.47 -4.21
N CYS D 39 6.00 -19.73 -4.30
CA CYS D 39 6.04 -20.48 -5.54
C CYS D 39 4.62 -20.64 -6.09
N SER D 40 4.52 -20.96 -7.38
CA SER D 40 3.20 -21.10 -7.99
C SER D 40 2.40 -22.23 -7.37
N ASN D 41 3.06 -23.19 -6.71
CA ASN D 41 2.37 -24.31 -6.07
C ASN D 41 2.26 -24.14 -4.57
N GLY D 42 2.65 -22.99 -4.04
CA GLY D 42 2.46 -22.71 -2.64
C GLY D 42 3.64 -22.00 -2.01
N LEU D 43 3.51 -21.68 -0.73
CA LEU D 43 4.55 -20.98 0.03
C LEU D 43 5.40 -22.04 0.73
N VAL D 44 6.64 -22.16 0.31
CA VAL D 44 7.53 -23.23 0.77
C VAL D 44 8.44 -22.68 1.87
N PRO D 45 8.38 -23.21 3.09
CA PRO D 45 9.28 -22.73 4.15
C PRO D 45 10.67 -23.32 4.04
N ILE D 46 11.66 -22.48 4.32
CA ILE D 46 13.08 -22.81 4.27
C ILE D 46 13.73 -22.31 5.56
N THR D 47 14.70 -23.05 6.07
CA THR D 47 15.52 -22.57 7.19
C THR D 47 16.85 -22.12 6.60
N HIS D 48 17.15 -20.83 6.72
CA HIS D 48 18.42 -20.31 6.22
C HIS D 48 19.42 -20.38 7.36
N GLU D 49 20.16 -21.49 7.40
CA GLU D 49 21.17 -21.67 8.42
C GLU D 49 22.35 -20.75 8.15
N HIS D 50 23.14 -20.52 9.20
CA HIS D 50 24.42 -19.87 9.03
C HIS D 50 25.27 -20.69 8.07
N GLY D 51 25.94 -20.00 7.16
CA GLY D 51 26.73 -20.65 6.14
C GLY D 51 25.94 -21.03 4.91
N PHE D 52 26.24 -22.22 4.37
CA PHE D 52 25.80 -22.62 3.04
C PHE D 52 24.38 -23.15 3.04
N ASN D 53 23.58 -22.73 2.05
CA ASN D 53 22.22 -23.23 1.85
C ASN D 53 21.94 -23.31 0.35
N MET D 54 21.12 -24.28 -0.04
CA MET D 54 20.82 -24.50 -1.45
C MET D 54 19.36 -24.91 -1.61
N MET D 55 18.81 -24.64 -2.79
CA MET D 55 17.43 -25.01 -3.08
C MET D 55 17.22 -25.10 -4.58
N LEU D 56 16.34 -26.02 -4.99
CA LEU D 56 15.94 -26.16 -6.39
C LEU D 56 14.62 -25.45 -6.64
N ILE D 57 14.49 -24.86 -7.83
CA ILE D 57 13.24 -24.24 -8.27
C ILE D 57 12.89 -24.77 -9.65
N GLN D 58 11.75 -25.43 -9.77
CA GLN D 58 11.32 -26.11 -10.98
C GLN D 58 10.56 -25.18 -11.91
N TYR D 59 10.73 -25.40 -13.21
CA TYR D 59 9.98 -24.62 -14.21
C TYR D 59 8.59 -25.19 -14.42
N THR D 60 8.43 -26.50 -14.24
CA THR D 60 7.14 -27.17 -14.41
C THR D 60 6.99 -28.20 -13.31
N ARG D 61 5.75 -28.64 -13.10
CA ARG D 61 5.45 -29.64 -12.07
C ARG D 61 5.05 -30.94 -12.74
N ASP D 66 4.34 -36.48 -4.25
CA ASP D 66 5.48 -37.39 -4.34
C ASP D 66 6.65 -36.93 -3.46
N SER D 67 7.42 -35.94 -3.88
CA SER D 67 8.56 -35.38 -3.14
C SER D 67 8.16 -34.12 -2.35
N PRO D 68 8.68 -33.97 -1.13
CA PRO D 68 8.38 -32.77 -0.33
C PRO D 68 9.08 -31.52 -0.84
N GLY D 69 8.40 -30.39 -0.69
CA GLY D 69 9.06 -29.11 -0.85
C GLY D 69 9.31 -28.60 -2.25
N MET D 70 8.78 -29.23 -3.29
CA MET D 70 9.06 -28.74 -4.62
C MET D 70 8.51 -27.32 -4.76
N CYS D 71 9.31 -26.45 -5.38
CA CYS D 71 8.92 -25.07 -5.65
C CYS D 71 8.92 -24.85 -7.16
N VAL D 72 7.76 -24.49 -7.71
CA VAL D 72 7.62 -24.22 -9.14
C VAL D 72 7.56 -22.71 -9.37
N PHE D 73 8.32 -22.25 -10.35
CA PHE D 73 8.28 -20.84 -10.74
C PHE D 73 6.86 -20.40 -11.09
N TRP D 74 6.56 -19.13 -10.83
CA TRP D 74 5.46 -18.47 -11.52
C TRP D 74 5.89 -18.15 -12.94
N GLY D 75 4.93 -18.15 -13.85
CA GLY D 75 5.18 -17.87 -15.24
C GLY D 75 4.70 -18.97 -16.16
N PRO D 76 5.06 -18.88 -17.45
CA PRO D 76 5.91 -17.84 -18.03
C PRO D 76 5.21 -16.48 -18.25
N TYR D 77 6.01 -15.42 -18.19
CA TYR D 77 5.54 -14.07 -18.46
C TYR D 77 6.23 -13.53 -19.71
N SER D 78 5.48 -12.82 -20.53
CA SER D 78 6.07 -12.09 -21.64
C SER D 78 6.85 -10.90 -21.13
N VAL D 79 7.89 -10.53 -21.87
CA VAL D 79 8.72 -9.38 -21.51
C VAL D 79 8.69 -8.42 -22.70
N PRO D 80 8.89 -7.12 -22.48
CA PRO D 80 8.68 -6.17 -23.57
C PRO D 80 9.78 -6.26 -24.62
N LYS D 81 9.38 -6.10 -25.88
CA LYS D 81 10.31 -5.91 -26.99
C LYS D 81 11.17 -7.14 -27.27
N ASN D 82 10.92 -8.25 -26.58
CA ASN D 82 11.71 -9.46 -26.77
C ASN D 82 10.78 -10.64 -26.92
N ASP D 83 10.74 -11.23 -28.12
CA ASP D 83 9.88 -12.37 -28.41
C ASP D 83 10.59 -13.71 -28.30
N THR D 84 11.88 -13.74 -27.95
CA THR D 84 12.60 -15.00 -27.89
C THR D 84 12.84 -15.51 -26.47
N VAL D 85 12.36 -14.81 -25.44
CA VAL D 85 12.51 -15.24 -24.06
C VAL D 85 11.24 -14.94 -23.30
N VAL D 86 11.00 -15.70 -22.23
CA VAL D 86 9.92 -15.47 -21.30
C VAL D 86 10.50 -15.47 -19.89
N LEU D 87 9.75 -14.92 -18.96
CA LEU D 87 10.20 -14.75 -17.59
C LEU D 87 9.53 -15.75 -16.67
N TYR D 88 10.34 -16.37 -15.80
CA TYR D 88 9.88 -17.19 -14.70
C TYR D 88 10.37 -16.56 -13.42
N THR D 89 9.53 -16.52 -12.39
CA THR D 89 9.93 -15.80 -11.18
C THR D 89 9.24 -16.40 -9.95
N VAL D 90 9.94 -16.29 -8.82
CA VAL D 90 9.37 -16.42 -7.50
C VAL D 90 9.95 -15.30 -6.65
N THR D 91 9.31 -15.05 -5.50
CA THR D 91 9.86 -14.14 -4.50
C THR D 91 9.99 -14.88 -3.19
N ALA D 92 10.86 -14.38 -2.33
CA ALA D 92 11.09 -14.96 -1.02
C ALA D 92 11.15 -13.84 0.03
N ARG D 93 10.77 -14.18 1.25
CA ARG D 93 10.89 -13.26 2.36
C ARG D 93 11.73 -13.88 3.46
N LEU D 94 12.75 -13.16 3.89
CA LEU D 94 13.53 -13.51 5.07
C LEU D 94 13.13 -12.58 6.19
N LYS D 95 12.69 -13.15 7.31
CA LYS D 95 12.41 -12.39 8.51
C LYS D 95 13.57 -12.60 9.49
N TRP D 96 14.19 -11.51 9.90
CA TRP D 96 15.38 -11.58 10.76
C TRP D 96 15.04 -11.46 12.24
N SER D 97 16.01 -11.85 13.07
CA SER D 97 15.92 -11.64 14.51
C SER D 97 16.01 -10.18 14.90
N GLU D 98 16.13 -9.28 13.94
CA GLU D 98 16.15 -7.85 14.20
C GLU D 98 16.27 -7.14 12.87
N GLY D 99 15.57 -6.01 12.72
CA GLY D 99 15.63 -5.26 11.49
C GLY D 99 14.52 -5.64 10.54
N PRO D 100 14.39 -4.88 9.46
CA PRO D 100 13.32 -5.12 8.48
C PRO D 100 13.55 -6.43 7.74
N PRO D 101 12.49 -7.04 7.22
CA PRO D 101 12.66 -8.26 6.44
C PRO D 101 13.33 -7.99 5.10
N THR D 102 13.91 -9.06 4.54
CA THR D 102 14.55 -9.01 3.24
C THR D 102 13.65 -9.77 2.26
N ASP D 103 13.24 -9.09 1.19
CA ASP D 103 12.42 -9.69 0.14
C ASP D 103 13.28 -9.86 -1.10
N LEU D 104 13.34 -11.10 -1.60
CA LEU D 104 14.14 -11.45 -2.76
C LEU D 104 13.25 -11.65 -3.98
N SER D 105 13.75 -11.21 -5.14
CA SER D 105 13.15 -11.55 -6.43
C SER D 105 14.09 -12.52 -7.12
N ILE D 106 13.60 -13.71 -7.40
CA ILE D 106 14.38 -14.78 -8.03
C ILE D 106 13.79 -15.00 -9.41
N GLN D 107 14.57 -14.63 -10.44
CA GLN D 107 14.06 -14.53 -11.79
C GLN D 107 14.95 -15.31 -12.74
N CYS D 108 14.33 -15.99 -13.70
CA CYS D 108 15.04 -16.73 -14.73
C CYS D 108 14.34 -16.49 -16.05
N TYR D 109 15.15 -16.24 -17.08
CA TYR D 109 14.64 -16.09 -18.44
C TYR D 109 14.84 -17.40 -19.18
N MET D 110 13.77 -17.85 -19.83
CA MET D 110 13.74 -19.12 -20.57
C MET D 110 13.59 -18.79 -22.10
N PRO D 111 14.45 -19.36 -22.94
CA PRO D 111 14.35 -19.11 -24.37
C PRO D 111 12.92 -19.51 -24.82
N LYS D 112 12.33 -18.77 -25.73
CA LYS D 112 10.91 -18.97 -26.03
C LYS D 112 10.71 -19.94 -27.19
N SER D 113 9.75 -20.84 -27.01
CA SER D 113 9.47 -21.94 -27.95
C SER D 113 8.22 -21.77 -28.81
N PRO D 114 8.40 -21.69 -30.14
CA PRO D 114 9.60 -21.23 -30.82
C PRO D 114 9.64 -19.72 -30.83
N ASP D 115 10.70 -19.13 -31.38
CA ASP D 115 10.75 -17.69 -31.39
C ASP D 115 9.85 -17.18 -32.50
N SER E 2 -31.51 -1.30 -6.44
CA SER E 2 -30.34 -0.57 -5.98
C SER E 2 -29.40 -1.47 -5.15
N TRP E 3 -29.91 -2.01 -4.05
CA TRP E 3 -29.11 -2.80 -3.12
C TRP E 3 -29.57 -4.25 -3.12
N HIS E 4 -28.58 -5.14 -3.14
CA HIS E 4 -28.78 -6.59 -3.13
C HIS E 4 -28.08 -7.16 -1.91
N TYR E 5 -28.77 -8.04 -1.17
CA TYR E 5 -28.25 -8.60 0.08
C TYR E 5 -27.61 -9.95 -0.22
N VAL E 6 -26.29 -10.03 -0.07
CA VAL E 6 -25.53 -11.25 -0.31
C VAL E 6 -24.75 -11.57 0.95
N GLU E 7 -25.01 -12.75 1.51
CA GLU E 7 -24.32 -13.21 2.71
C GLU E 7 -23.05 -13.96 2.30
N PRO E 8 -21.94 -13.79 3.00
CA PRO E 8 -20.74 -14.56 2.64
C PRO E 8 -21.03 -16.05 2.72
N LYS E 9 -20.51 -16.78 1.74
CA LYS E 9 -20.69 -18.23 1.71
C LYS E 9 -19.93 -18.87 2.87
N PHE E 10 -20.64 -19.68 3.65
CA PHE E 10 -20.02 -20.42 4.74
C PHE E 10 -19.33 -21.67 4.19
N LEU E 11 -18.16 -21.97 4.72
CA LEU E 11 -17.45 -23.17 4.29
C LEU E 11 -18.11 -24.41 4.88
N ASN E 12 -18.18 -25.47 4.08
CA ASN E 12 -18.58 -26.76 4.63
C ASN E 12 -17.61 -27.15 5.74
N LYS E 13 -18.08 -28.01 6.65
CA LYS E 13 -17.35 -28.26 7.88
C LYS E 13 -15.95 -28.83 7.61
N ALA E 14 -15.79 -29.66 6.57
CA ALA E 14 -14.48 -30.24 6.30
C ALA E 14 -13.44 -29.16 5.97
N PHE E 15 -13.81 -28.20 5.13
CA PHE E 15 -12.89 -27.12 4.78
C PHE E 15 -12.60 -26.23 5.99
N GLU E 16 -13.63 -25.81 6.70
CA GLU E 16 -13.43 -24.99 7.90
C GLU E 16 -12.52 -25.69 8.89
N VAL E 17 -12.77 -26.96 9.16
CA VAL E 17 -11.98 -27.71 10.13
C VAL E 17 -10.53 -27.77 9.68
N ALA E 18 -10.28 -28.06 8.40
CA ALA E 18 -8.90 -28.11 7.94
C ALA E 18 -8.20 -26.78 8.25
N LEU E 19 -8.86 -25.67 7.91
CA LEU E 19 -8.28 -24.36 8.19
C LEU E 19 -7.98 -24.18 9.68
N LYS E 20 -9.00 -24.36 10.53
CA LYS E 20 -8.83 -24.06 11.95
C LYS E 20 -7.75 -24.93 12.58
N VAL E 21 -7.75 -26.23 12.27
CA VAL E 21 -6.73 -27.11 12.80
C VAL E 21 -5.35 -26.57 12.47
N GLN E 22 -5.13 -26.20 11.20
CA GLN E 22 -3.79 -25.78 10.82
C GLN E 22 -3.42 -24.41 11.40
N ILE E 23 -4.38 -23.49 11.45
CA ILE E 23 -4.11 -22.16 12.01
C ILE E 23 -3.70 -22.27 13.46
N ILE E 24 -4.50 -22.97 14.26
CA ILE E 24 -4.19 -23.08 15.68
C ILE E 24 -2.88 -23.85 15.87
N ALA E 25 -2.65 -24.89 15.07
CA ALA E 25 -1.39 -25.62 15.18
C ALA E 25 -0.20 -24.70 14.93
N GLY E 26 -0.31 -23.85 13.91
CA GLY E 26 0.80 -22.95 13.58
C GLY E 26 1.03 -21.89 14.64
N PHE E 27 -0.05 -21.21 15.07
CA PHE E 27 0.07 -20.24 16.15
C PHE E 27 0.70 -20.89 17.38
N ASP E 28 0.26 -22.09 17.71
CA ASP E 28 0.76 -22.79 18.90
C ASP E 28 2.24 -23.13 18.76
N ARG E 29 2.67 -23.53 17.56
CA ARG E 29 4.10 -23.79 17.35
C ARG E 29 4.92 -22.53 17.56
N GLY E 30 4.45 -21.41 17.00
CA GLY E 30 5.12 -20.14 17.26
C GLY E 30 5.21 -19.84 18.75
N LEU E 31 4.15 -20.14 19.48
CA LEU E 31 4.15 -19.89 20.92
C LEU E 31 5.16 -20.80 21.64
N VAL E 32 5.27 -22.07 21.21
CA VAL E 32 6.26 -22.96 21.81
C VAL E 32 7.66 -22.40 21.60
N LYS E 33 7.98 -22.04 20.35
CA LYS E 33 9.28 -21.42 20.07
C LYS E 33 9.53 -20.23 20.98
N TRP E 34 8.52 -19.38 21.14
CA TRP E 34 8.71 -18.18 21.93
C TRP E 34 8.89 -18.52 23.42
N LEU E 35 8.12 -19.47 23.93
CA LEU E 35 8.19 -19.83 25.35
C LEU E 35 9.51 -20.48 25.69
N ARG E 36 10.11 -21.20 24.74
CA ARG E 36 11.42 -21.78 25.01
C ARG E 36 12.44 -20.72 25.39
N VAL E 37 12.27 -19.49 24.90
CA VAL E 37 13.20 -18.40 25.17
C VAL E 37 12.70 -17.54 26.32
N HIS E 38 11.52 -16.94 26.16
CA HIS E 38 11.03 -15.94 27.11
C HIS E 38 9.99 -16.49 28.07
N GLY E 39 9.68 -17.77 27.98
CA GLY E 39 8.60 -18.38 28.72
C GLY E 39 8.90 -18.84 30.13
N ARG E 40 10.18 -19.01 30.49
CA ARG E 40 10.50 -19.61 31.78
C ARG E 40 9.90 -18.85 32.95
N THR E 41 9.79 -17.52 32.85
CA THR E 41 9.29 -16.74 33.98
C THR E 41 7.78 -16.86 34.16
N LEU E 42 7.07 -17.43 33.19
CA LEU E 42 5.61 -17.38 33.19
C LEU E 42 5.01 -18.58 33.89
N SER E 43 3.91 -18.34 34.60
CA SER E 43 3.16 -19.41 35.25
C SER E 43 2.42 -20.24 34.21
N THR E 44 1.93 -21.40 34.67
CA THR E 44 1.17 -22.28 33.78
C THR E 44 -0.07 -21.58 33.24
N VAL E 45 -0.78 -20.85 34.10
CA VAL E 45 -2.00 -20.17 33.69
C VAL E 45 -1.69 -19.05 32.71
N GLN E 46 -0.55 -18.39 32.86
CA GLN E 46 -0.16 -17.37 31.88
C GLN E 46 0.06 -18.00 30.50
N LYS E 47 0.75 -19.13 30.46
CA LYS E 47 0.92 -19.85 29.20
C LYS E 47 -0.43 -20.21 28.61
N LYS E 48 -1.35 -20.72 29.45
CA LYS E 48 -2.70 -21.01 28.97
C LYS E 48 -3.37 -19.77 28.42
N ALA E 49 -3.15 -18.62 29.05
CA ALA E 49 -3.73 -17.38 28.55
C ALA E 49 -3.20 -17.06 27.16
N LEU E 50 -1.92 -17.37 26.90
CA LEU E 50 -1.37 -17.11 25.57
C LEU E 50 -1.92 -18.11 24.54
N TYR E 51 -2.11 -19.37 24.94
CA TYR E 51 -2.79 -20.30 24.04
C TYR E 51 -4.18 -19.79 23.68
N PHE E 52 -4.93 -19.32 24.69
CA PHE E 52 -6.21 -18.68 24.42
C PHE E 52 -6.04 -17.53 23.45
N VAL E 53 -4.99 -16.72 23.65
CA VAL E 53 -4.75 -15.59 22.75
C VAL E 53 -4.63 -16.09 21.31
N ASN E 54 -4.00 -17.25 21.09
CA ASN E 54 -3.92 -17.79 19.73
C ASN E 54 -5.31 -18.07 19.16
N ARG E 55 -6.11 -18.85 19.91
N ARG E 55 -6.13 -18.85 19.89
CA ARG E 55 -7.43 -19.22 19.40
CA ARG E 55 -7.44 -19.21 19.37
C ARG E 55 -8.29 -17.98 19.16
C ARG E 55 -8.31 -17.97 19.16
N ARG E 56 -8.29 -17.05 20.12
CA ARG E 56 -9.06 -15.82 19.98
C ARG E 56 -8.58 -14.99 18.80
N TYR E 57 -7.29 -15.00 18.51
CA TYR E 57 -6.81 -14.27 17.34
C TYR E 57 -7.42 -14.85 16.07
N MET E 58 -7.47 -16.19 15.97
CA MET E 58 -8.16 -16.79 14.83
C MET E 58 -9.63 -16.35 14.78
N GLN E 59 -10.32 -16.33 15.92
CA GLN E 59 -11.72 -15.91 15.94
C GLN E 59 -11.89 -14.46 15.47
N THR E 60 -11.12 -13.55 16.05
CA THR E 60 -11.20 -12.14 15.73
C THR E 60 -10.95 -11.88 14.25
N HIS E 61 -10.01 -12.62 13.66
CA HIS E 61 -9.59 -12.37 12.29
C HIS E 61 -10.16 -13.36 11.29
N TRP E 62 -11.15 -14.17 11.69
CA TRP E 62 -11.64 -15.20 10.78
C TRP E 62 -12.14 -14.63 9.45
N ALA E 63 -12.97 -13.58 9.49
CA ALA E 63 -13.53 -13.03 8.26
C ALA E 63 -12.44 -12.46 7.36
N ASN E 64 -11.41 -11.90 7.98
CA ASN E 64 -10.27 -11.35 7.28
C ASN E 64 -9.45 -12.46 6.60
N TYR E 65 -9.26 -13.56 7.32
CA TYR E 65 -8.68 -14.75 6.72
C TYR E 65 -9.53 -15.29 5.60
N MET E 66 -10.86 -15.20 5.71
CA MET E 66 -11.72 -15.71 4.65
C MET E 66 -11.56 -14.88 3.38
N LEU E 67 -11.36 -13.57 3.50
CA LEU E 67 -11.02 -12.79 2.32
C LEU E 67 -9.75 -13.31 1.66
N TRP E 68 -8.69 -13.51 2.46
CA TRP E 68 -7.42 -13.98 1.89
C TRP E 68 -7.58 -15.38 1.28
N ILE E 69 -8.23 -16.28 2.02
CA ILE E 69 -8.44 -17.64 1.53
C ILE E 69 -9.19 -17.62 0.21
N ASN E 70 -10.28 -16.87 0.15
CA ASN E 70 -11.06 -16.83 -1.08
C ASN E 70 -10.22 -16.32 -2.24
N LYS E 71 -9.36 -15.33 -1.99
CA LYS E 71 -8.49 -14.87 -3.07
C LYS E 71 -7.56 -16.00 -3.52
N LYS E 72 -6.92 -16.69 -2.59
CA LYS E 72 -5.97 -17.76 -2.96
C LYS E 72 -6.68 -18.87 -3.73
N ILE E 73 -7.80 -19.35 -3.19
CA ILE E 73 -8.58 -20.38 -3.86
C ILE E 73 -8.96 -19.93 -5.26
N ASP E 74 -9.42 -18.68 -5.39
CA ASP E 74 -9.76 -18.17 -6.72
C ASP E 74 -8.55 -18.22 -7.64
N ALA E 75 -7.37 -17.93 -7.11
CA ALA E 75 -6.14 -17.94 -7.92
C ALA E 75 -5.69 -19.34 -8.32
N LEU E 76 -6.19 -20.41 -7.66
CA LEU E 76 -5.76 -21.75 -8.06
C LEU E 76 -6.09 -22.05 -9.53
N GLY E 77 -7.20 -21.53 -10.04
CA GLY E 77 -7.60 -21.84 -11.40
C GLY E 77 -8.07 -23.26 -11.59
N ARG E 78 -8.50 -23.91 -10.51
CA ARG E 78 -9.01 -25.27 -10.56
C ARG E 78 -9.91 -25.46 -9.34
N THR E 79 -10.68 -26.54 -9.36
CA THR E 79 -11.52 -26.85 -8.22
C THR E 79 -10.66 -27.11 -7.00
N PRO E 80 -10.92 -26.45 -5.87
CA PRO E 80 -10.15 -26.74 -4.67
C PRO E 80 -10.62 -28.03 -4.02
N VAL E 81 -9.71 -28.63 -3.25
CA VAL E 81 -10.01 -29.78 -2.41
C VAL E 81 -9.57 -29.45 -0.99
N VAL E 82 -9.96 -30.31 -0.05
CA VAL E 82 -9.65 -30.06 1.36
C VAL E 82 -8.16 -29.86 1.57
N GLY E 83 -7.32 -30.56 0.81
CA GLY E 83 -5.87 -30.40 0.97
C GLY E 83 -5.40 -28.99 0.73
N ASP E 84 -6.06 -28.27 -0.19
CA ASP E 84 -5.78 -26.86 -0.39
C ASP E 84 -6.06 -26.06 0.87
N TYR E 85 -7.14 -26.39 1.58
CA TYR E 85 -7.47 -25.66 2.80
C TYR E 85 -6.50 -26.01 3.91
N THR E 86 -6.05 -27.27 3.99
CA THR E 86 -4.98 -27.61 4.93
C THR E 86 -3.74 -26.77 4.65
N ARG E 87 -3.31 -26.72 3.38
CA ARG E 87 -2.10 -25.98 3.03
C ARG E 87 -2.23 -24.50 3.38
N LEU E 88 -3.33 -23.88 2.95
CA LEU E 88 -3.48 -22.45 3.18
C LEU E 88 -3.61 -22.14 4.67
N GLY E 89 -4.30 -22.99 5.41
CA GLY E 89 -4.40 -22.78 6.84
C GLY E 89 -3.06 -22.89 7.54
N ALA E 90 -2.24 -23.84 7.11
CA ALA E 90 -0.88 -23.94 7.64
C ALA E 90 -0.08 -22.69 7.29
N GLU E 91 -0.30 -22.15 6.08
CA GLU E 91 0.38 -20.93 5.68
C GLU E 91 0.01 -19.78 6.61
N ILE E 92 -1.28 -19.62 6.92
CA ILE E 92 -1.70 -18.60 7.89
C ILE E 92 -1.04 -18.86 9.24
N GLY E 93 -1.10 -20.11 9.72
CA GLY E 93 -0.56 -20.42 11.02
C GLY E 93 0.92 -20.12 11.14
N ARG E 94 1.66 -20.23 10.04
CA ARG E 94 3.09 -19.96 10.05
C ARG E 94 3.41 -18.49 9.89
N ARG E 95 2.63 -17.78 9.06
CA ARG E 95 3.00 -16.43 8.65
C ARG E 95 2.67 -15.36 9.68
N ILE E 96 1.59 -15.53 10.45
CA ILE E 96 1.22 -14.52 11.44
C ILE E 96 2.33 -14.45 12.50
N ASP E 97 2.83 -13.24 12.76
CA ASP E 97 3.90 -13.05 13.74
C ASP E 97 3.27 -12.73 15.08
N MET E 98 2.81 -13.79 15.76
CA MET E 98 2.19 -13.62 17.07
C MET E 98 3.19 -13.17 18.13
N ALA E 99 4.49 -13.38 17.88
CA ALA E 99 5.51 -12.99 18.85
C ALA E 99 5.49 -11.48 19.12
N TYR E 100 5.03 -10.67 18.17
CA TYR E 100 4.84 -9.26 18.49
C TYR E 100 3.88 -9.09 19.67
N PHE E 101 2.83 -9.91 19.70
CA PHE E 101 1.88 -9.89 20.80
C PHE E 101 2.48 -10.52 22.05
N TYR E 102 3.14 -11.68 21.91
CA TYR E 102 3.74 -12.32 23.09
C TYR E 102 4.74 -11.37 23.76
N ASP E 103 5.68 -10.84 22.99
CA ASP E 103 6.65 -9.89 23.52
C ASP E 103 5.97 -8.69 24.16
N PHE E 104 5.02 -8.06 23.46
CA PHE E 104 4.37 -6.87 24.03
C PHE E 104 3.66 -7.19 25.33
N LEU E 105 2.84 -8.23 25.34
CA LEU E 105 2.03 -8.56 26.52
C LEU E 105 2.94 -8.90 27.69
N LYS E 106 4.00 -9.66 27.45
CA LYS E 106 4.92 -9.99 28.54
C LYS E 106 5.62 -8.73 29.04
N ASP E 107 6.17 -7.93 28.13
CA ASP E 107 6.98 -6.78 28.52
C ASP E 107 6.16 -5.75 29.29
N LYS E 108 4.90 -5.55 28.90
CA LYS E 108 4.03 -4.58 29.56
C LYS E 108 3.17 -5.20 30.64
N ASN E 109 3.40 -6.45 31.02
CA ASN E 109 2.63 -7.11 32.06
C ASN E 109 1.14 -7.04 31.72
N MET E 110 0.82 -7.27 30.45
CA MET E 110 -0.54 -7.20 29.95
C MET E 110 -1.11 -8.56 29.55
N ILE E 111 -0.44 -9.66 29.90
CA ILE E 111 -1.04 -10.96 29.61
C ILE E 111 -2.41 -11.02 30.27
N PRO E 112 -3.49 -11.31 29.53
CA PRO E 112 -4.82 -11.23 30.14
C PRO E 112 -4.97 -12.22 31.27
N LYS E 113 -5.69 -11.79 32.31
CA LYS E 113 -6.05 -12.68 33.41
C LYS E 113 -6.87 -13.85 32.88
N TYR E 114 -6.50 -15.06 33.30
CA TYR E 114 -7.14 -16.27 32.79
C TYR E 114 -8.53 -16.42 33.39
N LEU E 115 -9.55 -16.42 32.54
CA LEU E 115 -10.94 -16.45 32.96
C LEU E 115 -11.63 -17.71 32.45
N PRO E 116 -12.78 -18.08 33.03
CA PRO E 116 -13.42 -19.35 32.62
C PRO E 116 -13.73 -19.44 31.14
N TYR E 117 -14.15 -18.35 30.49
CA TYR E 117 -14.47 -18.45 29.07
C TYR E 117 -13.23 -18.79 28.25
N MET E 118 -12.05 -18.33 28.69
CA MET E 118 -10.80 -18.69 28.04
C MET E 118 -10.51 -20.18 28.21
N GLU E 119 -10.70 -20.71 29.42
CA GLU E 119 -10.53 -22.14 29.65
C GLU E 119 -11.49 -22.93 28.77
N GLU E 120 -12.74 -22.47 28.65
CA GLU E 120 -13.69 -23.16 27.80
C GLU E 120 -13.19 -23.23 26.36
N ILE E 121 -12.68 -22.11 25.83
CA ILE E 121 -12.16 -22.13 24.47
C ILE E 121 -10.95 -23.04 24.36
N ASN E 122 -10.07 -23.03 25.37
CA ASN E 122 -8.87 -23.86 25.35
C ASN E 122 -9.19 -25.35 25.39
N ARG E 123 -10.29 -25.72 26.07
CA ARG E 123 -10.64 -27.13 26.17
C ARG E 123 -11.21 -27.70 24.88
N MET E 124 -11.67 -26.85 23.97
CA MET E 124 -12.24 -27.35 22.72
C MET E 124 -11.17 -27.96 21.84
N ARG E 125 -11.57 -28.95 21.05
CA ARG E 125 -10.74 -29.35 19.93
C ARG E 125 -10.63 -28.15 18.98
N PRO E 126 -9.45 -27.90 18.40
CA PRO E 126 -9.38 -26.83 17.40
C PRO E 126 -10.49 -26.90 16.37
N ALA E 127 -10.87 -28.12 15.97
CA ALA E 127 -11.94 -28.28 14.99
C ALA E 127 -13.25 -27.70 15.46
N ASP E 128 -13.45 -27.59 16.78
CA ASP E 128 -14.73 -27.17 17.32
C ASP E 128 -14.74 -25.70 17.74
N VAL E 129 -13.62 -25.00 17.63
CA VAL E 129 -13.59 -23.58 17.99
C VAL E 129 -14.55 -22.83 17.07
N PRO E 130 -15.57 -22.16 17.61
CA PRO E 130 -16.53 -21.47 16.75
C PRO E 130 -15.96 -20.23 16.10
N VAL E 131 -16.32 -20.01 14.84
CA VAL E 131 -15.88 -18.84 14.09
C VAL E 131 -17.09 -18.19 13.43
N LYS E 132 -16.99 -16.90 13.20
CA LYS E 132 -18.08 -16.11 12.62
C LYS E 132 -17.67 -15.60 11.25
N TYR E 133 -18.48 -15.93 10.23
CA TYR E 133 -18.22 -15.50 8.87
C TYR E 133 -18.74 -14.09 8.60
N MET E 134 -19.57 -13.55 9.50
CA MET E 134 -20.11 -12.21 9.35
C MET E 134 -19.82 -11.37 10.59
N GLY F 3 -19.10 0.04 26.47
CA GLY F 3 -19.18 -1.07 25.53
C GLY F 3 -17.82 -1.68 25.24
N ILE F 4 -16.99 -0.96 24.48
CA ILE F 4 -15.63 -1.38 24.20
C ILE F 4 -14.67 -0.47 24.95
N ASP F 5 -13.70 -1.08 25.60
CA ASP F 5 -12.52 -0.40 26.11
C ASP F 5 -11.37 -0.84 25.19
N TRP F 6 -10.70 0.13 24.57
CA TRP F 6 -9.67 -0.15 23.59
C TRP F 6 -8.53 0.84 23.75
N ASP F 7 -7.35 0.42 23.30
CA ASP F 7 -6.19 1.29 23.24
C ASP F 7 -5.30 0.82 22.11
N VAL F 8 -4.44 1.71 21.65
CA VAL F 8 -3.42 1.39 20.66
C VAL F 8 -2.06 1.65 21.29
N PHE F 9 -1.14 0.73 21.06
CA PHE F 9 0.20 0.79 21.61
C PHE F 9 1.18 0.97 20.46
N CYS F 10 1.70 2.18 20.32
CA CYS F 10 2.53 2.55 19.20
C CYS F 10 3.99 2.16 19.49
N SER F 11 4.69 1.74 18.45
CA SER F 11 6.09 1.36 18.58
C SER F 11 7.00 2.57 18.36
N GLN F 12 8.28 2.39 18.69
CA GLN F 12 9.33 3.37 18.40
C GLN F 12 10.11 3.03 17.13
N ASN F 13 9.66 2.04 16.37
CA ASN F 13 10.40 1.57 15.21
C ASN F 13 9.40 1.16 14.14
N GLU F 14 9.58 1.66 12.92
CA GLU F 14 8.61 1.40 11.86
C GLU F 14 8.53 -0.08 11.50
N ASN F 15 9.54 -0.86 11.85
CA ASN F 15 9.56 -2.29 11.58
C ASN F 15 8.82 -3.10 12.64
N ILE F 16 8.39 -2.48 13.73
CA ILE F 16 7.60 -3.16 14.76
C ILE F 16 6.18 -2.64 14.65
N PRO F 17 5.20 -3.48 14.32
CA PRO F 17 3.83 -2.98 14.17
C PRO F 17 3.23 -2.52 15.48
N ALA F 18 2.26 -1.61 15.36
CA ALA F 18 1.48 -1.21 16.51
C ALA F 18 0.53 -2.33 16.91
N LYS F 19 0.16 -2.34 18.18
CA LYS F 19 -0.76 -3.32 18.73
C LYS F 19 -2.04 -2.61 19.15
N PHE F 20 -3.17 -3.06 18.60
CA PHE F 20 -4.49 -2.59 18.97
C PHE F 20 -5.17 -3.66 19.82
N ILE F 21 -5.67 -3.28 20.99
CA ILE F 21 -6.27 -4.20 21.94
C ILE F 21 -7.58 -3.60 22.45
N SER F 22 -8.65 -4.41 22.44
CA SER F 22 -9.96 -3.95 22.88
C SER F 22 -10.63 -5.07 23.69
N ARG F 23 -11.43 -4.65 24.68
CA ARG F 23 -12.19 -5.56 25.52
C ARG F 23 -13.66 -5.19 25.38
N LEU F 24 -14.51 -6.17 25.09
CA LEU F 24 -15.97 -5.98 24.94
C LEU F 24 -16.70 -6.61 26.11
N VAL F 25 -17.58 -5.84 26.75
CA VAL F 25 -18.40 -6.29 27.89
C VAL F 25 -19.84 -6.51 27.42
N ALA F 26 -20.35 -7.72 27.62
CA ALA F 26 -21.71 -8.03 27.17
C ALA F 26 -22.72 -7.13 27.87
N PRO F 27 -23.81 -6.74 27.18
CA PRO F 27 -24.93 -6.08 27.85
C PRO F 27 -26.29 -6.48 27.27
N VAL F 32 -21.36 -5.47 19.32
CA VAL F 32 -20.69 -5.06 18.10
C VAL F 32 -20.90 -6.08 17.00
N GLU F 33 -21.77 -5.77 16.04
CA GLU F 33 -22.02 -6.70 14.95
C GLU F 33 -20.79 -6.87 14.07
N LYS F 34 -20.13 -5.76 13.72
CA LYS F 34 -18.93 -5.82 12.89
C LYS F 34 -18.08 -4.58 13.14
N MET F 35 -16.80 -4.71 12.79
CA MET F 35 -15.86 -3.60 12.78
C MET F 35 -15.05 -3.67 11.50
N ASP F 36 -14.85 -2.51 10.86
CA ASP F 36 -14.08 -2.45 9.63
C ASP F 36 -13.03 -1.37 9.78
N VAL F 37 -11.79 -1.69 9.43
CA VAL F 37 -10.67 -0.78 9.60
C VAL F 37 -10.25 -0.30 8.22
N ASP F 38 -10.20 1.02 8.06
CA ASP F 38 -9.88 1.67 6.79
C ASP F 38 -8.37 1.84 6.72
N CYS F 39 -7.69 0.91 6.06
CA CYS F 39 -6.23 0.86 6.00
C CYS F 39 -5.74 1.21 4.60
N SER F 40 -4.46 1.59 4.51
CA SER F 40 -3.91 1.96 3.21
C SER F 40 -3.86 0.77 2.24
N ASN F 41 -3.98 -0.45 2.73
CA ASN F 41 -4.03 -1.63 1.88
C ASN F 41 -5.45 -2.19 1.78
N GLY F 42 -6.45 -1.50 2.30
CA GLY F 42 -7.80 -1.96 2.12
C GLY F 42 -8.64 -1.91 3.38
N LEU F 43 -9.89 -2.33 3.26
CA LEU F 43 -10.82 -2.34 4.38
C LEU F 43 -10.76 -3.71 5.05
N VAL F 44 -10.25 -3.73 6.28
CA VAL F 44 -9.95 -4.96 7.00
C VAL F 44 -11.09 -5.26 7.96
N PRO F 45 -11.80 -6.38 7.82
CA PRO F 45 -12.87 -6.69 8.77
C PRO F 45 -12.35 -7.35 10.02
N ILE F 46 -12.92 -6.95 11.16
CA ILE F 46 -12.54 -7.47 12.47
C ILE F 46 -13.81 -7.89 13.18
N THR F 47 -13.75 -9.03 13.85
CA THR F 47 -14.86 -9.55 14.66
C THR F 47 -14.55 -9.39 16.15
N HIS F 48 -15.44 -8.71 16.86
CA HIS F 48 -15.30 -8.51 18.31
C HIS F 48 -16.01 -9.62 19.07
N GLU F 49 -15.27 -10.66 19.43
CA GLU F 49 -15.78 -11.71 20.28
C GLU F 49 -15.91 -11.19 21.71
N HIS F 50 -16.66 -11.92 22.54
CA HIS F 50 -16.77 -11.53 23.94
C HIS F 50 -15.39 -11.48 24.58
N GLY F 51 -15.11 -10.39 25.27
CA GLY F 51 -13.83 -10.22 25.94
C GLY F 51 -12.74 -9.66 25.04
N PHE F 52 -11.59 -10.31 25.09
CA PHE F 52 -10.33 -9.82 24.55
C PHE F 52 -10.25 -9.97 23.03
N ASN F 53 -9.79 -8.90 22.36
CA ASN F 53 -9.52 -8.94 20.92
C ASN F 53 -8.28 -8.10 20.60
N MET F 54 -7.52 -8.52 19.58
CA MET F 54 -6.28 -7.83 19.23
C MET F 54 -6.09 -7.78 17.72
N MET F 55 -5.27 -6.83 17.29
CA MET F 55 -4.85 -6.76 15.90
C MET F 55 -3.57 -5.95 15.82
N LEU F 56 -2.77 -6.26 14.80
CA LEU F 56 -1.55 -5.54 14.48
C LEU F 56 -1.81 -4.51 13.39
N ILE F 57 -1.09 -3.39 13.45
CA ILE F 57 -1.17 -2.37 12.41
C ILE F 57 0.25 -2.05 11.98
N GLN F 58 0.54 -2.30 10.71
CA GLN F 58 1.89 -2.19 10.16
C GLN F 58 2.16 -0.77 9.68
N TYR F 59 3.39 -0.28 9.94
CA TYR F 59 3.78 1.06 9.53
C TYR F 59 4.28 1.12 8.10
N THR F 60 4.98 0.09 7.64
CA THR F 60 5.60 0.13 6.32
C THR F 60 4.62 -0.36 5.27
N ARG F 61 4.99 -0.14 4.00
CA ARG F 61 4.06 -0.32 2.89
C ARG F 61 3.62 -1.77 2.75
N ASN F 62 2.46 -1.92 2.14
CA ASN F 62 1.92 -3.23 1.77
C ASN F 62 2.90 -3.97 0.86
N LYS F 63 3.25 -5.19 1.26
CA LYS F 63 4.14 -6.03 0.45
C LYS F 63 3.55 -7.42 0.27
N LEU F 64 3.93 -8.07 -0.83
CA LEU F 64 3.30 -9.32 -1.23
C LEU F 64 3.32 -10.37 -0.12
N LEU F 65 4.45 -10.51 0.58
CA LEU F 65 4.59 -11.56 1.57
C LEU F 65 4.34 -11.07 2.98
N ASP F 66 3.62 -9.97 3.13
CA ASP F 66 3.20 -9.59 4.48
C ASP F 66 2.26 -10.65 5.02
N SER F 67 1.85 -10.50 6.26
CA SER F 67 0.96 -11.47 6.88
C SER F 67 -0.44 -11.32 6.30
N PRO F 68 -1.16 -12.42 6.07
CA PRO F 68 -2.52 -12.29 5.55
C PRO F 68 -3.38 -11.53 6.52
N GLY F 69 -4.25 -10.68 5.98
CA GLY F 69 -5.18 -9.90 6.75
C GLY F 69 -4.57 -8.69 7.42
N MET F 70 -3.30 -8.40 7.17
CA MET F 70 -2.62 -7.27 7.81
C MET F 70 -3.27 -5.95 7.42
N CYS F 71 -3.28 -5.02 8.37
CA CYS F 71 -3.74 -3.65 8.16
C CYS F 71 -2.52 -2.75 8.16
N VAL F 72 -2.34 -2.00 7.08
CA VAL F 72 -1.25 -1.05 6.95
C VAL F 72 -1.78 0.35 7.24
N PHE F 73 -1.07 1.10 8.09
CA PHE F 73 -1.39 2.50 8.33
C PHE F 73 -1.42 3.31 7.05
N TRP F 74 -2.29 4.33 7.03
CA TRP F 74 -2.13 5.46 6.14
C TRP F 74 -1.04 6.38 6.67
N GLY F 75 -0.42 7.14 5.76
CA GLY F 75 0.66 8.02 6.12
C GLY F 75 1.92 7.62 5.38
N PRO F 76 3.07 8.20 5.75
CA PRO F 76 3.23 9.17 6.85
C PRO F 76 2.73 10.56 6.52
N TYR F 77 2.31 11.31 7.53
CA TYR F 77 1.87 12.69 7.38
C TYR F 77 2.78 13.62 8.18
N SER F 78 3.06 14.79 7.62
CA SER F 78 3.75 15.84 8.37
C SER F 78 2.83 16.40 9.45
N VAL F 79 3.43 16.87 10.53
CA VAL F 79 2.67 17.46 11.63
C VAL F 79 3.18 18.89 11.80
N PRO F 80 2.39 19.79 12.34
CA PRO F 80 2.78 21.21 12.33
C PRO F 80 3.97 21.46 13.25
N LYS F 81 4.87 22.33 12.80
CA LYS F 81 5.96 22.86 13.60
C LYS F 81 7.00 21.81 13.99
N ASN F 82 6.85 20.57 13.54
CA ASN F 82 7.76 19.49 13.93
C ASN F 82 8.19 18.71 12.69
N ASP F 83 9.47 18.84 12.33
CA ASP F 83 10.01 18.16 11.15
C ASP F 83 10.70 16.83 11.48
N THR F 84 10.76 16.44 12.75
CA THR F 84 11.44 15.20 13.15
C THR F 84 10.47 14.08 13.52
N VAL F 85 9.17 14.28 13.36
CA VAL F 85 8.20 13.23 13.65
C VAL F 85 7.16 13.24 12.53
N VAL F 86 6.57 12.06 12.28
CA VAL F 86 5.49 11.94 11.32
C VAL F 86 4.34 11.17 11.96
N LEU F 87 3.17 11.31 11.36
CA LEU F 87 1.96 10.70 11.88
C LEU F 87 1.49 9.59 10.95
N TYR F 88 1.09 8.46 11.54
CA TYR F 88 0.47 7.34 10.86
C TYR F 88 -0.92 7.13 11.43
N THR F 89 -1.90 6.84 10.57
CA THR F 89 -3.26 6.74 11.06
C THR F 89 -4.08 5.75 10.24
N VAL F 90 -5.05 5.13 10.92
CA VAL F 90 -6.19 4.47 10.29
C VAL F 90 -7.45 4.91 11.02
N THR F 91 -8.60 4.64 10.40
CA THR F 91 -9.88 4.82 11.05
C THR F 91 -10.66 3.52 10.98
N ALA F 92 -11.58 3.36 11.93
CA ALA F 92 -12.43 2.19 11.99
C ALA F 92 -13.86 2.62 12.25
N ARG F 93 -14.79 1.84 11.73
CA ARG F 93 -16.22 2.03 11.97
C ARG F 93 -16.74 0.77 12.64
N LEU F 94 -17.34 0.93 13.81
CA LEU F 94 -18.01 -0.16 14.49
C LEU F 94 -19.52 0.04 14.34
N LYS F 95 -20.18 -0.96 13.78
CA LYS F 95 -21.64 -0.96 13.70
C LYS F 95 -22.16 -1.89 14.79
N TRP F 96 -23.03 -1.35 15.63
CA TRP F 96 -23.57 -2.07 16.77
C TRP F 96 -24.87 -2.77 16.37
N SER F 97 -25.32 -3.69 17.21
CA SER F 97 -26.61 -4.32 16.97
C SER F 97 -27.74 -3.30 17.02
N GLU F 98 -27.61 -2.31 17.90
CA GLU F 98 -28.55 -1.21 17.99
C GLU F 98 -27.79 0.09 18.21
N GLY F 99 -28.34 1.19 17.69
CA GLY F 99 -27.73 2.48 17.84
C GLY F 99 -26.85 2.88 16.67
N PRO F 100 -26.42 4.14 16.66
CA PRO F 100 -25.59 4.64 15.56
C PRO F 100 -24.20 4.03 15.59
N PRO F 101 -23.51 3.98 14.46
CA PRO F 101 -22.14 3.45 14.46
C PRO F 101 -21.16 4.39 15.14
N THR F 102 -20.04 3.80 15.56
CA THR F 102 -18.94 4.51 16.22
C THR F 102 -17.74 4.56 15.28
N ASP F 103 -17.19 5.74 15.08
CA ASP F 103 -15.99 5.93 14.27
C ASP F 103 -14.79 6.16 15.19
N LEU F 104 -13.76 5.32 15.04
CA LEU F 104 -12.54 5.37 15.83
C LEU F 104 -11.39 5.92 15.01
N SER F 105 -10.54 6.71 15.66
CA SER F 105 -9.26 7.16 15.10
C SER F 105 -8.11 6.46 15.81
N ILE F 106 -7.30 5.73 15.05
CA ILE F 106 -6.15 4.99 15.59
C ILE F 106 -4.88 5.61 15.00
N GLN F 107 -4.10 6.28 15.84
CA GLN F 107 -3.01 7.12 15.38
C GLN F 107 -1.73 6.81 16.14
N CYS F 108 -0.60 6.88 15.42
CA CYS F 108 0.71 6.68 16.01
C CYS F 108 1.69 7.69 15.43
N TYR F 109 2.51 8.27 16.30
CA TYR F 109 3.60 9.16 15.89
C TYR F 109 4.89 8.36 15.84
N MET F 110 5.67 8.55 14.77
CA MET F 110 6.93 7.84 14.58
C MET F 110 8.06 8.84 14.40
N PRO F 111 9.18 8.67 15.11
CA PRO F 111 10.34 9.55 14.91
C PRO F 111 10.90 9.45 13.48
N LYS F 112 11.56 10.53 13.07
CA LYS F 112 12.29 10.57 11.79
C LYS F 112 11.31 10.65 10.64
N CYS F 122 17.46 26.55 -5.69
CA CYS F 122 16.69 25.33 -5.57
C CYS F 122 17.35 24.20 -6.35
N VAL G 6 3.99 33.03 -17.97
CA VAL G 6 2.98 33.84 -17.31
C VAL G 6 1.81 32.96 -16.89
N GLU G 7 1.28 33.19 -15.70
CA GLU G 7 0.18 32.38 -15.20
C GLU G 7 -1.02 32.50 -16.13
N PRO G 8 -1.63 31.38 -16.54
CA PRO G 8 -2.80 31.47 -17.42
C PRO G 8 -4.04 31.91 -16.68
N LYS G 9 -4.90 32.61 -17.42
CA LYS G 9 -6.21 33.05 -16.93
C LYS G 9 -7.28 32.44 -17.82
N PHE G 10 -8.24 31.75 -17.21
CA PHE G 10 -9.29 31.06 -17.96
C PHE G 10 -10.62 31.78 -17.86
N LEU G 11 -10.59 33.09 -17.67
CA LEU G 11 -11.81 33.87 -17.56
C LEU G 11 -11.59 35.20 -18.25
N ASN G 12 -12.62 35.69 -18.95
CA ASN G 12 -12.55 37.01 -19.55
C ASN G 12 -12.17 38.05 -18.50
N LYS G 13 -11.38 39.04 -18.92
CA LYS G 13 -10.80 39.98 -17.96
C LYS G 13 -11.88 40.78 -17.23
N ALA G 14 -12.94 41.17 -17.93
CA ALA G 14 -13.99 41.97 -17.29
C ALA G 14 -14.66 41.18 -16.16
N PHE G 15 -14.89 39.89 -16.39
CA PHE G 15 -15.51 39.03 -15.38
C PHE G 15 -14.60 38.85 -14.17
N GLU G 16 -13.31 38.55 -14.42
CA GLU G 16 -12.35 38.45 -13.33
C GLU G 16 -12.33 39.74 -12.51
N VAL G 17 -12.25 40.89 -13.20
CA VAL G 17 -12.19 42.16 -12.51
C VAL G 17 -13.43 42.38 -11.66
N ALA G 18 -14.61 42.11 -12.22
CA ALA G 18 -15.83 42.23 -11.44
C ALA G 18 -15.75 41.40 -10.16
N LEU G 19 -15.35 40.14 -10.30
CA LEU G 19 -15.21 39.26 -9.15
C LEU G 19 -14.29 39.87 -8.10
N LYS G 20 -13.06 40.19 -8.50
CA LYS G 20 -12.08 40.66 -7.53
C LYS G 20 -12.55 41.95 -6.85
N VAL G 21 -13.08 42.88 -7.64
CA VAL G 21 -13.57 44.15 -7.10
C VAL G 21 -14.59 43.88 -6.01
N GLN G 22 -15.57 43.01 -6.28
CA GLN G 22 -16.64 42.81 -5.30
C GLN G 22 -16.15 42.01 -4.09
N ILE G 23 -15.30 41.01 -4.31
CA ILE G 23 -14.78 40.23 -3.20
C ILE G 23 -14.01 41.13 -2.24
N ILE G 24 -13.06 41.89 -2.78
CA ILE G 24 -12.24 42.74 -1.92
C ILE G 24 -13.10 43.82 -1.27
N ALA G 25 -14.07 44.37 -2.02
CA ALA G 25 -14.96 45.37 -1.42
C ALA G 25 -15.70 44.79 -0.22
N GLY G 26 -16.23 43.57 -0.35
CA GLY G 26 -16.96 42.96 0.76
C GLY G 26 -16.07 42.63 1.93
N PHE G 27 -14.92 42.00 1.68
CA PHE G 27 -13.97 41.73 2.74
C PHE G 27 -13.61 43.01 3.48
N ASP G 28 -13.31 44.06 2.72
CA ASP G 28 -12.89 45.33 3.32
C ASP G 28 -14.01 45.97 4.12
N ARG G 29 -15.26 45.90 3.64
CA ARG G 29 -16.37 46.42 4.44
C ARG G 29 -16.49 45.66 5.77
N GLY G 30 -16.38 44.34 5.73
CA GLY G 30 -16.36 43.58 6.97
C GLY G 30 -15.23 44.02 7.89
N LEU G 31 -14.06 44.30 7.31
CA LEU G 31 -12.92 44.74 8.12
C LEU G 31 -13.18 46.11 8.74
N VAL G 32 -13.83 47.02 8.01
CA VAL G 32 -14.18 48.31 8.58
C VAL G 32 -15.12 48.13 9.76
N LYS G 33 -16.17 47.34 9.57
CA LYS G 33 -17.12 47.09 10.66
C LYS G 33 -16.40 46.52 11.88
N TRP G 34 -15.47 45.59 11.66
CA TRP G 34 -14.73 44.99 12.77
C TRP G 34 -13.80 45.99 13.44
N LEU G 35 -13.14 46.84 12.64
CA LEU G 35 -12.19 47.81 13.17
C LEU G 35 -12.88 48.92 13.95
N ARG G 36 -14.11 49.27 13.61
CA ARG G 36 -14.82 50.27 14.39
C ARG G 36 -14.93 49.81 15.84
N VAL G 37 -14.92 48.51 16.08
CA VAL G 37 -15.04 47.95 17.43
C VAL G 37 -13.67 47.65 18.02
N HIS G 38 -12.89 46.80 17.36
CA HIS G 38 -11.65 46.29 17.95
C HIS G 38 -10.41 46.98 17.41
N GLY G 39 -10.56 47.97 16.53
CA GLY G 39 -9.44 48.58 15.85
C GLY G 39 -8.72 49.64 16.65
N ARG G 40 -9.35 50.15 17.71
CA ARG G 40 -8.76 51.25 18.46
C ARG G 40 -7.38 50.88 18.98
N THR G 41 -7.22 49.62 19.41
CA THR G 41 -5.98 49.15 20.02
C THR G 41 -4.88 48.86 19.01
N LEU G 42 -5.19 48.81 17.72
CA LEU G 42 -4.24 48.35 16.71
C LEU G 42 -3.46 49.51 16.12
N SER G 43 -2.19 49.27 15.83
CA SER G 43 -1.36 50.23 15.13
C SER G 43 -1.78 50.33 13.67
N THR G 44 -1.28 51.36 12.99
CA THR G 44 -1.60 51.55 11.58
C THR G 44 -1.10 50.38 10.74
N VAL G 45 0.12 49.91 11.01
CA VAL G 45 0.69 48.83 10.22
C VAL G 45 -0.08 47.54 10.44
N GLN G 46 -0.62 47.33 11.64
CA GLN G 46 -1.45 46.14 11.87
C GLN G 46 -2.71 46.20 11.03
N LYS G 47 -3.37 47.36 10.97
CA LYS G 47 -4.54 47.52 10.11
C LYS G 47 -4.18 47.27 8.65
N LYS G 48 -3.07 47.84 8.18
CA LYS G 48 -2.62 47.56 6.81
C LYS G 48 -2.38 46.08 6.61
N ALA G 49 -1.85 45.40 7.63
CA ALA G 49 -1.62 43.97 7.54
C ALA G 49 -2.94 43.22 7.37
N LEU G 50 -4.01 43.68 8.02
CA LEU G 50 -5.31 43.03 7.86
C LEU G 50 -5.92 43.32 6.48
N TYR G 51 -5.73 44.52 5.94
CA TYR G 51 -6.11 44.74 4.56
C TYR G 51 -5.40 43.75 3.64
N PHE G 52 -4.10 43.58 3.85
CA PHE G 52 -3.38 42.55 3.11
C PHE G 52 -4.01 41.18 3.29
N VAL G 53 -4.37 40.80 4.52
CA VAL G 53 -4.94 39.47 4.70
C VAL G 53 -6.21 39.32 3.86
N ASN G 54 -7.00 40.40 3.70
CA ASN G 54 -8.15 40.30 2.82
C ASN G 54 -7.74 39.94 1.38
N ARG G 55 -6.80 40.71 0.83
CA ARG G 55 -6.40 40.44 -0.56
C ARG G 55 -5.77 39.04 -0.70
N ARG G 56 -4.92 38.67 0.26
CA ARG G 56 -4.26 37.37 0.21
C ARG G 56 -5.25 36.25 0.38
N TYR G 57 -6.29 36.44 1.20
CA TYR G 57 -7.30 35.39 1.31
C TYR G 57 -7.93 35.14 -0.04
N MET G 58 -8.28 36.22 -0.75
CA MET G 58 -8.81 36.05 -2.10
C MET G 58 -7.83 35.28 -3.00
N GLN G 59 -6.54 35.63 -2.95
CA GLN G 59 -5.56 34.94 -3.79
C GLN G 59 -5.50 33.46 -3.45
N THR G 60 -5.39 33.14 -2.16
CA THR G 60 -5.25 31.76 -1.73
C THR G 60 -6.45 30.93 -2.17
N HIS G 61 -7.64 31.50 -2.12
CA HIS G 61 -8.86 30.73 -2.33
C HIS G 61 -9.50 30.95 -3.69
N TRP G 62 -8.82 31.67 -4.59
CA TRP G 62 -9.43 31.96 -5.89
C TRP G 62 -9.85 30.69 -6.60
N ALA G 63 -9.03 29.63 -6.55
CA ALA G 63 -9.35 28.41 -7.31
C ALA G 63 -10.62 27.73 -6.80
N ASN G 64 -10.82 27.65 -5.48
CA ASN G 64 -12.06 27.05 -4.99
C ASN G 64 -13.24 27.98 -5.24
N TYR G 65 -13.02 29.29 -5.11
CA TYR G 65 -14.06 30.22 -5.51
C TYR G 65 -14.46 29.98 -6.95
N MET G 66 -13.50 29.64 -7.82
CA MET G 66 -13.85 29.38 -9.21
C MET G 66 -14.68 28.12 -9.34
N LEU G 67 -14.45 27.10 -8.51
CA LEU G 67 -15.38 25.96 -8.54
C LEU G 67 -16.82 26.42 -8.28
N TRP G 68 -17.01 27.22 -7.22
CA TRP G 68 -18.35 27.68 -6.85
C TRP G 68 -18.95 28.60 -7.92
N ILE G 69 -18.15 29.56 -8.40
CA ILE G 69 -18.58 30.49 -9.43
C ILE G 69 -18.98 29.73 -10.69
N ASN G 70 -18.14 28.80 -11.14
CA ASN G 70 -18.46 28.03 -12.33
C ASN G 70 -19.77 27.29 -12.17
N LYS G 71 -20.04 26.75 -10.97
CA LYS G 71 -21.32 26.08 -10.76
C LYS G 71 -22.49 27.06 -10.94
N LYS G 72 -22.43 28.22 -10.30
CA LYS G 72 -23.54 29.16 -10.39
C LYS G 72 -23.73 29.67 -11.83
N ILE G 73 -22.63 30.08 -12.47
CA ILE G 73 -22.70 30.54 -13.86
C ILE G 73 -23.32 29.47 -14.73
N ASP G 74 -22.87 28.22 -14.60
CA ASP G 74 -23.44 27.14 -15.39
C ASP G 74 -24.93 26.99 -15.12
N ALA G 75 -25.36 27.22 -13.89
CA ALA G 75 -26.77 27.11 -13.56
C ALA G 75 -27.60 28.23 -14.21
N LEU G 76 -26.98 29.33 -14.62
CA LEU G 76 -27.74 30.41 -15.25
C LEU G 76 -28.54 29.97 -16.48
N GLY G 77 -28.04 29.00 -17.26
CA GLY G 77 -28.75 28.61 -18.46
C GLY G 77 -28.67 29.60 -19.61
N ARG G 78 -27.64 30.43 -19.63
CA ARG G 78 -27.38 31.38 -20.71
C ARG G 78 -25.93 31.79 -20.60
N THR G 79 -25.42 32.46 -21.63
CA THR G 79 -24.09 33.05 -21.54
C THR G 79 -24.12 34.13 -20.45
N PRO G 80 -23.13 34.17 -19.56
CA PRO G 80 -23.15 35.18 -18.49
C PRO G 80 -22.82 36.57 -19.01
N VAL G 81 -23.21 37.56 -18.20
CA VAL G 81 -22.85 38.95 -18.44
C VAL G 81 -22.08 39.40 -17.20
N VAL G 82 -21.39 40.53 -17.33
CA VAL G 82 -20.53 41.01 -16.25
C VAL G 82 -21.31 41.11 -14.95
N GLY G 83 -22.59 41.51 -15.06
CA GLY G 83 -23.41 41.66 -13.87
C GLY G 83 -23.56 40.39 -13.06
N ASP G 84 -23.56 39.24 -13.73
CA ASP G 84 -23.60 37.96 -13.01
C ASP G 84 -22.37 37.80 -12.13
N TYR G 85 -21.20 38.18 -12.63
CA TYR G 85 -19.97 38.06 -11.85
C TYR G 85 -19.91 39.12 -10.76
N THR G 86 -20.44 40.31 -11.01
CA THR G 86 -20.58 41.29 -9.94
C THR G 86 -21.41 40.73 -8.81
N ARG G 87 -22.55 40.13 -9.14
CA ARG G 87 -23.42 39.56 -8.11
C ARG G 87 -22.71 38.45 -7.33
N LEU G 88 -22.09 37.51 -8.04
CA LEU G 88 -21.48 36.37 -7.37
C LEU G 88 -20.27 36.80 -6.54
N GLY G 89 -19.48 37.75 -7.05
CA GLY G 89 -18.36 38.27 -6.28
C GLY G 89 -18.82 39.00 -5.04
N ALA G 90 -19.92 39.74 -5.14
CA ALA G 90 -20.49 40.38 -3.96
C ALA G 90 -20.98 39.35 -2.95
N GLU G 91 -21.56 38.25 -3.43
CA GLU G 91 -22.00 37.20 -2.53
C GLU G 91 -20.82 36.61 -1.78
N ILE G 92 -19.73 36.31 -2.50
CA ILE G 92 -18.52 35.83 -1.82
C ILE G 92 -18.04 36.85 -0.80
N GLY G 93 -17.94 38.12 -1.22
CA GLY G 93 -17.43 39.15 -0.34
C GLY G 93 -18.26 39.30 0.93
N ARG G 94 -19.56 39.02 0.85
CA ARG G 94 -20.46 39.17 1.99
C ARG G 94 -20.48 37.90 2.84
N ARG G 95 -20.40 36.70 2.25
CA ARG G 95 -20.61 35.48 3.02
C ARG G 95 -19.38 35.00 3.79
N ILE G 96 -18.16 35.19 3.26
CA ILE G 96 -16.99 34.73 3.99
C ILE G 96 -16.84 35.57 5.25
N ASP G 97 -16.79 34.92 6.41
CA ASP G 97 -16.71 35.63 7.69
C ASP G 97 -15.25 35.78 8.09
N MET G 98 -14.62 36.82 7.56
CA MET G 98 -13.21 37.07 7.86
C MET G 98 -13.00 37.45 9.33
N ALA G 99 -14.06 37.85 10.03
CA ALA G 99 -13.92 38.24 11.42
C ALA G 99 -13.38 37.10 12.27
N TYR G 100 -13.61 35.85 11.88
CA TYR G 100 -12.94 34.75 12.57
C TYR G 100 -11.42 34.91 12.53
N PHE G 101 -10.89 35.32 11.37
CA PHE G 101 -9.46 35.58 11.28
C PHE G 101 -9.06 36.86 11.98
N TYR G 102 -9.81 37.95 11.80
CA TYR G 102 -9.45 39.19 12.49
C TYR G 102 -9.38 38.95 14.00
N ASP G 103 -10.44 38.38 14.56
CA ASP G 103 -10.49 38.05 15.98
C ASP G 103 -9.31 37.16 16.38
N PHE G 104 -9.09 36.06 15.64
CA PHE G 104 -8.01 35.16 16.01
C PHE G 104 -6.66 35.86 15.99
N LEU G 105 -6.36 36.57 14.89
CA LEU G 105 -5.06 37.18 14.73
C LEU G 105 -4.80 38.21 15.82
N LYS G 106 -5.80 39.02 16.15
CA LYS G 106 -5.64 40.00 17.23
C LYS G 106 -5.48 39.30 18.59
N ASP G 107 -6.39 38.38 18.90
CA ASP G 107 -6.41 37.78 20.24
C ASP G 107 -5.14 36.99 20.53
N LYS G 108 -4.60 36.29 19.54
CA LYS G 108 -3.40 35.49 19.70
C LYS G 108 -2.12 36.22 19.30
N ASN G 109 -2.18 37.52 19.03
CA ASN G 109 -1.00 38.27 18.63
C ASN G 109 -0.34 37.64 17.40
N MET G 110 -1.16 37.23 16.44
CA MET G 110 -0.68 36.57 15.24
C MET G 110 -0.81 37.45 14.00
N ILE G 111 -1.08 38.74 14.16
CA ILE G 111 -1.11 39.63 12.99
C ILE G 111 0.25 39.60 12.31
N PRO G 112 0.33 39.30 11.02
CA PRO G 112 1.65 39.16 10.38
C PRO G 112 2.40 40.48 10.36
N LYS G 113 3.72 40.39 10.53
CA LYS G 113 4.54 41.58 10.36
C LYS G 113 4.38 42.14 8.95
N TYR G 114 4.15 43.44 8.87
CA TYR G 114 3.91 44.08 7.59
C TYR G 114 5.22 44.15 6.80
N LEU G 115 5.25 43.50 5.64
CA LEU G 115 6.45 43.37 4.85
C LEU G 115 6.25 44.02 3.48
N PRO G 116 7.33 44.28 2.74
CA PRO G 116 7.19 45.00 1.47
C PRO G 116 6.23 44.34 0.48
N TYR G 117 6.23 43.01 0.36
CA TYR G 117 5.33 42.38 -0.60
C TYR G 117 3.88 42.60 -0.23
N MET G 118 3.58 42.69 1.08
CA MET G 118 2.24 43.01 1.53
C MET G 118 1.86 44.44 1.14
N GLU G 119 2.77 45.39 1.35
CA GLU G 119 2.53 46.77 0.92
C GLU G 119 2.31 46.85 -0.58
N GLU G 120 3.12 46.11 -1.36
CA GLU G 120 2.94 46.11 -2.80
C GLU G 120 1.55 45.64 -3.17
N ILE G 121 1.09 44.54 -2.56
CA ILE G 121 -0.25 44.04 -2.88
C ILE G 121 -1.31 45.05 -2.42
N ASN G 122 -1.08 45.71 -1.29
CA ASN G 122 -2.06 46.69 -0.80
C ASN G 122 -2.17 47.90 -1.71
N ARG G 123 -1.08 48.29 -2.37
CA ARG G 123 -1.14 49.46 -3.25
C ARG G 123 -1.82 49.17 -4.58
N MET G 124 -1.96 47.91 -4.96
CA MET G 124 -2.53 47.54 -6.26
C MET G 124 -4.00 47.91 -6.36
N ARG G 125 -4.45 48.13 -7.60
CA ARG G 125 -5.89 48.12 -7.86
C ARG G 125 -6.45 46.75 -7.48
N PRO G 126 -7.61 46.68 -6.81
CA PRO G 126 -8.24 45.36 -6.66
C PRO G 126 -8.34 44.64 -7.98
N ALA G 127 -8.62 45.38 -9.05
CA ALA G 127 -8.72 44.78 -10.38
C ALA G 127 -7.42 44.13 -10.80
N ASP G 128 -6.28 44.56 -10.26
CA ASP G 128 -4.98 44.10 -10.70
C ASP G 128 -4.35 43.07 -9.78
N VAL G 129 -5.01 42.72 -8.67
CA VAL G 129 -4.45 41.73 -7.76
C VAL G 129 -4.31 40.42 -8.53
N PRO G 130 -3.10 39.85 -8.65
CA PRO G 130 -2.96 38.63 -9.44
C PRO G 130 -3.54 37.43 -8.72
N VAL G 131 -4.23 36.59 -9.49
CA VAL G 131 -4.85 35.38 -8.97
C VAL G 131 -4.45 34.22 -9.87
N LYS G 132 -4.44 33.02 -9.29
CA LYS G 132 -4.11 31.81 -10.01
C LYS G 132 -5.36 30.94 -10.08
N TYR G 133 -5.73 30.54 -11.31
CA TYR G 133 -6.99 29.81 -11.50
C TYR G 133 -6.90 28.33 -11.20
N MET G 134 -5.70 27.77 -11.16
CA MET G 134 -5.55 26.34 -10.88
C MET G 134 -4.72 26.06 -9.64
N GLY H 3 9.13 22.53 3.62
CA GLY H 3 9.25 23.75 2.85
C GLY H 3 8.32 24.84 3.35
N ILE H 4 7.17 24.43 3.86
CA ILE H 4 6.20 25.35 4.45
C ILE H 4 6.31 25.30 5.97
N ASP H 5 6.08 26.45 6.60
CA ASP H 5 5.97 26.58 8.05
C ASP H 5 4.51 26.82 8.38
N TRP H 6 3.84 25.84 8.98
CA TRP H 6 2.40 25.88 9.13
C TRP H 6 1.98 25.45 10.53
N ASP H 7 0.77 25.87 10.90
CA ASP H 7 0.16 25.39 12.13
C ASP H 7 -1.35 25.47 11.95
N VAL H 8 -2.07 24.75 12.80
CA VAL H 8 -3.52 24.85 12.86
C VAL H 8 -3.91 25.27 14.27
N PHE H 9 -4.86 26.19 14.36
CA PHE H 9 -5.30 26.75 15.63
C PHE H 9 -6.75 26.33 15.83
N CYS H 10 -6.94 25.37 16.73
CA CYS H 10 -8.22 24.72 16.95
C CYS H 10 -9.08 25.53 17.92
N SER H 11 -10.38 25.54 17.67
CA SER H 11 -11.32 26.19 18.56
C SER H 11 -11.82 25.19 19.59
N GLN H 12 -12.52 25.71 20.61
CA GLN H 12 -13.18 24.86 21.59
C GLN H 12 -14.66 24.68 21.33
N ASN H 13 -15.18 25.13 20.18
CA ASN H 13 -16.61 25.11 19.92
C ASN H 13 -16.85 24.88 18.44
N GLU H 14 -17.77 23.95 18.13
CA GLU H 14 -18.01 23.57 16.73
C GLU H 14 -18.51 24.73 15.88
N ASN H 15 -19.04 25.79 16.49
CA ASN H 15 -19.52 26.93 15.72
C ASN H 15 -18.40 27.91 15.34
N ILE H 16 -17.20 27.73 15.87
CA ILE H 16 -16.05 28.55 15.52
C ILE H 16 -15.08 27.70 14.71
N PRO H 17 -14.84 28.02 13.44
CA PRO H 17 -13.91 27.20 12.63
C PRO H 17 -12.48 27.29 13.11
N ALA H 18 -11.71 26.25 12.80
CA ALA H 18 -10.28 26.29 13.04
C ALA H 18 -9.60 27.20 12.02
N LYS H 19 -8.44 27.73 12.41
CA LYS H 19 -7.62 28.58 11.54
C LYS H 19 -6.34 27.84 11.17
N PHE H 20 -6.14 27.66 9.87
CA PHE H 20 -4.91 27.10 9.31
C PHE H 20 -4.08 28.25 8.76
N ILE H 21 -2.82 28.32 9.18
CA ILE H 21 -1.92 29.39 8.76
C ILE H 21 -0.61 28.76 8.30
N SER H 22 -0.16 29.13 7.11
CA SER H 22 1.03 28.55 6.52
C SER H 22 1.86 29.64 5.87
N ARG H 23 3.18 29.51 5.98
CA ARG H 23 4.13 30.45 5.40
C ARG H 23 5.06 29.67 4.48
N LEU H 24 5.28 30.20 3.28
CA LEU H 24 6.19 29.61 2.30
C LEU H 24 7.47 30.43 2.20
N VAL H 25 8.59 29.82 2.58
CA VAL H 25 9.92 30.39 2.44
C VAL H 25 10.68 29.57 1.40
N ALA H 26 11.06 30.19 0.29
CA ALA H 26 11.70 29.45 -0.80
C ALA H 26 12.20 30.45 -1.85
N PRO H 27 13.15 30.03 -2.69
CA PRO H 27 13.47 30.83 -3.87
C PRO H 27 12.36 30.66 -4.91
N LYS H 28 12.03 31.77 -5.59
CA LYS H 28 10.86 31.74 -6.44
C LYS H 28 10.90 30.62 -7.46
N CYS H 29 12.10 30.12 -7.80
CA CYS H 29 12.18 28.96 -8.67
C CYS H 29 11.43 27.76 -8.07
N LEU H 30 11.66 27.48 -6.79
CA LEU H 30 10.94 26.41 -6.11
C LEU H 30 9.54 26.90 -5.77
N ALA H 31 8.54 26.28 -6.40
CA ALA H 31 7.16 26.72 -6.25
C ALA H 31 6.28 25.56 -5.81
N VAL H 32 5.15 25.90 -5.22
CA VAL H 32 4.09 24.94 -4.93
C VAL H 32 3.21 24.89 -6.18
N GLU H 33 3.35 23.82 -6.96
CA GLU H 33 2.58 23.69 -8.19
C GLU H 33 1.09 23.55 -7.89
N LYS H 34 0.73 22.76 -6.89
CA LYS H 34 -0.68 22.57 -6.54
C LYS H 34 -0.80 22.24 -5.07
N MET H 35 -1.94 22.61 -4.48
CA MET H 35 -2.29 22.20 -3.12
C MET H 35 -3.77 21.89 -3.05
N ASP H 36 -4.11 20.80 -2.37
CA ASP H 36 -5.48 20.33 -2.21
C ASP H 36 -5.72 19.87 -0.79
N VAL H 37 -6.86 20.26 -0.24
CA VAL H 37 -7.23 19.89 1.13
C VAL H 37 -8.39 18.91 1.04
N ASP H 38 -8.22 17.74 1.66
CA ASP H 38 -9.22 16.67 1.58
C ASP H 38 -10.21 16.85 2.72
N CYS H 39 -11.34 17.48 2.41
CA CYS H 39 -12.35 17.81 3.39
C CYS H 39 -13.52 16.85 3.23
N SER H 40 -14.34 16.75 4.27
CA SER H 40 -15.45 15.81 4.21
C SER H 40 -16.48 16.18 3.16
N ASN H 41 -16.50 17.44 2.71
CA ASN H 41 -17.41 17.89 1.67
C ASN H 41 -16.75 17.97 0.30
N GLY H 42 -15.51 17.52 0.18
CA GLY H 42 -14.84 17.46 -1.10
C GLY H 42 -13.39 17.89 -1.04
N LEU H 43 -12.71 17.81 -2.18
CA LEU H 43 -11.31 18.17 -2.28
C LEU H 43 -11.22 19.63 -2.70
N VAL H 44 -10.71 20.46 -1.80
CA VAL H 44 -10.73 21.92 -1.97
C VAL H 44 -9.35 22.35 -2.48
N PRO H 45 -9.25 22.95 -3.67
CA PRO H 45 -7.96 23.44 -4.13
C PRO H 45 -7.61 24.76 -3.47
N ILE H 46 -6.33 24.87 -3.13
CA ILE H 46 -5.76 26.04 -2.45
C ILE H 46 -4.54 26.48 -3.23
N THR H 47 -4.33 27.79 -3.33
CA THR H 47 -3.11 28.31 -3.92
C THR H 47 -2.22 28.79 -2.77
N HIS H 48 -1.08 28.14 -2.62
CA HIS H 48 -0.15 28.51 -1.55
C HIS H 48 0.80 29.54 -2.13
N GLU H 49 0.44 30.80 -1.92
CA GLU H 49 1.29 31.90 -2.37
C GLU H 49 2.55 31.98 -1.53
N HIS H 50 3.55 32.64 -2.08
CA HIS H 50 4.75 32.94 -1.31
C HIS H 50 4.36 33.82 -0.12
N GLY H 51 4.90 33.48 1.05
CA GLY H 51 4.58 34.18 2.27
C GLY H 51 3.34 33.66 2.97
N PHE H 52 2.51 34.57 3.47
CA PHE H 52 1.43 34.25 4.39
C PHE H 52 0.22 33.70 3.65
N ASN H 53 -0.36 32.61 4.17
CA ASN H 53 -1.58 32.02 3.63
C ASN H 53 -2.45 31.51 4.78
N MET H 54 -3.76 31.55 4.56
CA MET H 54 -4.73 31.22 5.60
C MET H 54 -5.91 30.49 4.99
N MET H 55 -6.58 29.68 5.82
CA MET H 55 -7.87 29.12 5.44
C MET H 55 -8.59 28.69 6.71
N LEU H 56 -9.92 28.76 6.67
CA LEU H 56 -10.77 28.32 7.74
C LEU H 56 -11.21 26.88 7.50
N ILE H 57 -11.34 26.11 8.58
CA ILE H 57 -11.81 24.74 8.50
C ILE H 57 -12.96 24.60 9.48
N GLN H 58 -14.15 24.30 8.95
CA GLN H 58 -15.37 24.23 9.73
C GLN H 58 -15.54 22.84 10.33
N TYR H 59 -16.10 22.81 11.54
CA TYR H 59 -16.40 21.56 12.23
C TYR H 59 -17.73 20.96 11.82
N THR H 60 -18.64 21.78 11.33
CA THR H 60 -19.95 21.34 10.83
C THR H 60 -20.34 21.98 9.49
N ARG H 61 -21.26 21.35 8.77
CA ARG H 61 -21.65 21.86 7.47
C ARG H 61 -22.72 22.93 7.64
N ASN H 62 -22.61 24.00 6.84
CA ASN H 62 -23.47 25.16 6.97
C ASN H 62 -24.94 24.80 6.66
N LYS H 63 -25.84 25.65 7.14
CA LYS H 63 -27.25 25.51 6.79
C LYS H 63 -27.43 25.47 5.28
N LEU H 64 -26.91 26.48 4.59
CA LEU H 64 -26.96 26.53 3.13
C LEU H 64 -25.88 25.60 2.58
N LEU H 65 -26.29 24.59 1.81
CA LEU H 65 -25.37 23.54 1.42
C LEU H 65 -24.15 24.10 0.70
N ASP H 66 -24.37 24.88 -0.38
CA ASP H 66 -23.26 25.36 -1.21
C ASP H 66 -22.88 26.78 -0.78
N SER H 67 -21.81 26.88 -0.03
CA SER H 67 -21.25 28.16 0.37
C SER H 67 -19.84 28.21 -0.20
N PRO H 68 -19.36 29.35 -0.67
CA PRO H 68 -18.03 29.35 -1.29
C PRO H 68 -16.93 29.02 -0.30
N GLY H 69 -16.00 28.17 -0.75
CA GLY H 69 -14.77 27.86 -0.04
C GLY H 69 -14.88 26.96 1.17
N MET H 70 -16.07 26.43 1.47
CA MET H 70 -16.23 25.68 2.71
C MET H 70 -15.39 24.40 2.73
N CYS H 71 -14.66 24.19 3.82
CA CYS H 71 -13.95 22.93 4.06
C CYS H 71 -14.39 22.42 5.42
N VAL H 72 -15.07 21.27 5.45
CA VAL H 72 -15.56 20.67 6.67
C VAL H 72 -14.63 19.53 7.10
N PHE H 73 -14.26 19.51 8.38
CA PHE H 73 -13.50 18.41 8.95
C PHE H 73 -14.20 17.08 8.73
N TRP H 74 -13.41 16.01 8.60
CA TRP H 74 -13.90 14.67 8.86
C TRP H 74 -14.02 14.47 10.36
N GLY H 75 -14.96 13.63 10.77
CA GLY H 75 -15.18 13.35 12.17
C GLY H 75 -16.60 13.65 12.62
N PRO H 76 -16.86 13.59 13.93
CA PRO H 76 -15.89 13.32 14.99
C PRO H 76 -15.47 11.86 15.09
N TYR H 77 -14.25 11.63 15.56
CA TYR H 77 -13.74 10.28 15.82
C TYR H 77 -13.47 10.13 17.31
N SER H 78 -13.82 8.96 17.85
CA SER H 78 -13.40 8.61 19.20
C SER H 78 -11.89 8.35 19.20
N VAL H 79 -11.28 8.58 20.36
CA VAL H 79 -9.85 8.37 20.52
C VAL H 79 -9.64 7.43 21.69
N PRO H 80 -8.51 6.71 21.72
CA PRO H 80 -8.35 5.64 22.72
C PRO H 80 -8.16 6.18 24.13
N LYS H 81 -8.81 5.51 25.09
CA LYS H 81 -8.61 5.76 26.51
C LYS H 81 -9.03 7.17 26.93
N ASN H 82 -9.57 7.95 26.00
CA ASN H 82 -10.05 9.29 26.34
C ASN H 82 -11.46 9.43 25.79
N ASP H 83 -12.43 9.42 26.70
CA ASP H 83 -13.85 9.53 26.38
C ASP H 83 -14.37 10.95 26.49
N THR H 84 -13.52 11.92 26.82
CA THR H 84 -13.96 13.30 26.99
C THR H 84 -13.59 14.17 25.80
N VAL H 85 -12.99 13.59 24.76
CA VAL H 85 -12.58 14.34 23.58
C VAL H 85 -12.86 13.53 22.33
N VAL H 86 -13.06 14.23 21.21
CA VAL H 86 -13.17 13.60 19.90
C VAL H 86 -12.22 14.31 18.95
N LEU H 87 -11.90 13.62 17.85
CA LEU H 87 -10.95 14.11 16.87
C LEU H 87 -11.66 14.54 15.59
N TYR H 88 -11.24 15.68 15.07
CA TYR H 88 -11.63 16.18 13.76
C TYR H 88 -10.37 16.33 12.93
N THR H 89 -10.44 15.93 11.66
CA THR H 89 -9.22 15.93 10.87
C THR H 89 -9.52 16.14 9.39
N VAL H 90 -8.56 16.78 8.72
CA VAL H 90 -8.44 16.72 7.27
C VAL H 90 -6.96 16.50 6.94
N THR H 91 -6.69 16.09 5.70
CA THR H 91 -5.34 16.01 5.20
C THR H 91 -5.20 16.87 3.95
N ALA H 92 -3.98 17.29 3.68
CA ALA H 92 -3.68 18.12 2.53
C ALA H 92 -2.45 17.58 1.82
N ARG H 93 -2.38 17.79 0.51
CA ARG H 93 -1.20 17.44 -0.28
C ARG H 93 -0.71 18.68 -1.01
N LEU H 94 0.57 19.00 -0.85
CA LEU H 94 1.25 20.02 -1.62
C LEU H 94 2.17 19.36 -2.64
N LYS H 95 2.00 19.72 -3.92
CA LYS H 95 2.88 19.26 -5.00
C LYS H 95 3.84 20.38 -5.41
N TRP H 96 5.13 20.07 -5.40
CA TRP H 96 6.22 21.01 -5.66
C TRP H 96 6.67 20.96 -7.12
N SER H 97 7.53 21.94 -7.48
CA SER H 97 8.13 21.94 -8.82
C SER H 97 8.90 20.65 -9.07
N GLU H 98 9.65 20.19 -8.07
CA GLU H 98 10.30 18.89 -8.11
C GLU H 98 10.40 18.36 -6.68
N GLY H 99 10.60 17.06 -6.58
CA GLY H 99 10.67 16.40 -5.30
C GLY H 99 9.34 15.78 -4.92
N PRO H 100 9.32 14.96 -3.87
CA PRO H 100 8.08 14.30 -3.46
C PRO H 100 7.08 15.28 -2.88
N PRO H 101 5.80 14.96 -2.93
CA PRO H 101 4.78 15.85 -2.34
C PRO H 101 4.87 15.86 -0.83
N THR H 102 4.27 16.88 -0.24
CA THR H 102 4.18 17.03 1.20
C THR H 102 2.73 16.79 1.59
N ASP H 103 2.50 15.81 2.46
CA ASP H 103 1.17 15.50 2.94
C ASP H 103 1.06 15.95 4.39
N LEU H 104 0.09 16.82 4.67
CA LEU H 104 -0.13 17.38 5.99
C LEU H 104 -1.34 16.73 6.61
N SER H 105 -1.26 16.46 7.92
CA SER H 105 -2.41 16.05 8.70
C SER H 105 -2.80 17.22 9.59
N ILE H 106 -4.02 17.71 9.41
CA ILE H 106 -4.53 18.87 10.13
C ILE H 106 -5.60 18.38 11.08
N GLN H 107 -5.30 18.43 12.38
CA GLN H 107 -6.11 17.75 13.38
C GLN H 107 -6.48 18.70 14.50
N CYS H 108 -7.71 18.56 14.98
CA CYS H 108 -8.22 19.34 16.09
C CYS H 108 -9.03 18.44 17.01
N TYR H 109 -8.81 18.60 18.31
CA TYR H 109 -9.56 17.89 19.32
C TYR H 109 -10.64 18.83 19.87
N MET H 110 -11.83 18.28 20.04
CA MET H 110 -13.02 18.98 20.50
C MET H 110 -13.57 18.27 21.74
N PRO H 111 -14.01 19.00 22.77
CA PRO H 111 -14.61 18.30 23.90
C PRO H 111 -15.80 17.48 23.44
N LYS H 112 -15.99 16.33 24.08
CA LYS H 112 -17.10 15.44 23.79
C LYS H 112 -18.24 15.59 24.78
N SER H 113 -17.93 15.50 26.08
CA SER H 113 -18.89 15.40 27.18
C SER H 113 -18.57 14.14 27.98
C1 GOL I . -9.55 10.01 -2.69
O1 GOL I . -9.30 8.65 -2.42
C2 GOL I . -9.58 10.79 -1.38
O2 GOL I . -10.13 12.08 -1.60
C3 GOL I . -10.39 10.02 -0.36
O3 GOL I . -10.95 10.92 0.57
H11 GOL I . -8.77 10.40 -3.34
H12 GOL I . -10.50 10.11 -3.20
HO1 GOL I . -9.34 8.13 -3.26
H2 GOL I . -8.56 10.89 -1.01
HO2 GOL I . -11.06 11.99 -1.91
H31 GOL I . -11.19 9.47 -0.86
H32 GOL I . -9.76 9.31 0.16
HO3 GOL I . -10.99 11.82 0.17
C1 GOL J . 5.62 0.78 -28.06
O1 GOL J . 4.34 1.28 -28.38
C2 GOL J . 6.60 1.94 -28.00
O2 GOL J . 6.47 2.60 -26.77
C3 GOL J . 8.04 1.44 -28.13
O3 GOL J . 8.95 2.45 -27.78
H11 GOL J . 5.59 0.27 -27.09
H12 GOL J . 5.94 0.06 -28.81
HO1 GOL J . 3.72 0.52 -28.47
H2 GOL J . 6.39 2.63 -28.82
HO2 GOL J . 6.68 1.97 -26.04
H31 GOL J . 8.18 0.57 -27.49
H32 GOL J . 8.22 1.13 -29.17
HO3 GOL J . 9.84 2.06 -27.69
C1 GOL K . 20.83 -5.95 -12.10
O1 GOL K . 22.03 -5.81 -11.37
C2 GOL K . 20.88 -5.07 -13.35
O2 GOL K . 20.02 -5.58 -14.33
C3 GOL K . 20.43 -3.65 -13.00
O3 GOL K . 20.45 -2.87 -14.17
H11 GOL K . 19.99 -5.66 -11.48
H12 GOL K . 20.70 -6.99 -12.41
HO1 GOL K . 21.97 -6.33 -10.55
H2 GOL K . 21.91 -5.03 -13.72
HO2 GOL K . 19.10 -5.59 -13.99
H31 GOL K . 19.42 -3.68 -12.60
H32 GOL K . 21.09 -3.23 -12.26
HO3 GOL K . 20.40 -1.92 -13.93
CL CL L . 6.20 -6.81 -2.46
C1 GOL M . 1.80 -17.65 -13.42
O1 GOL M . 1.96 -19.04 -13.26
C2 GOL M . 0.41 -17.34 -13.94
O2 GOL M . -0.16 -16.32 -13.15
C3 GOL M . 0.51 -16.90 -15.40
O3 GOL M . 1.23 -17.83 -16.18
H11 GOL M . 1.96 -17.15 -12.46
H12 GOL M . 2.55 -17.28 -14.13
HO1 GOL M . 2.89 -19.24 -12.99
H2 GOL M . -0.20 -18.24 -13.88
HO2 GOL M . 0.39 -15.51 -13.21
H31 GOL M . -0.50 -16.79 -15.81
H32 GOL M . 1.00 -15.92 -15.45
HO3 GOL M . 1.39 -17.45 -17.07
C1 NAG N . 23.78 -3.29 -10.82
C2 NAG N . 23.90 -1.81 -11.20
C3 NAG N . 23.92 -1.65 -12.72
C4 NAG N . 24.99 -2.54 -13.33
C5 NAG N . 24.81 -3.98 -12.87
C6 NAG N . 25.91 -4.90 -13.36
C7 NAG N . 23.04 0.09 -9.91
C8 NAG N . 21.83 0.80 -9.41
N2 NAG N . 22.83 -1.02 -10.62
O3 NAG N . 24.16 -0.29 -13.03
O4 NAG N . 24.93 -2.47 -14.75
O5 NAG N . 24.83 -4.04 -11.44
O6 NAG N . 26.65 -5.43 -12.27
O7 NAG N . 24.18 0.51 -9.69
H1 NAG N . 22.92 -3.63 -11.11
H2 NAG N . 24.75 -1.48 -10.86
H3 NAG N . 23.05 -1.92 -13.08
H4 NAG N . 25.87 -2.22 -13.04
H5 NAG N . 23.95 -4.31 -13.20
H61 NAG N . 26.51 -4.39 -13.94
H62 NAG N . 25.51 -5.63 -13.86
H81 NAG N . 21.32 0.20 -8.82
H82 NAG N . 21.26 1.07 -10.16
H83 NAG N . 22.09 1.59 -8.90
HN2 NAG N . 21.97 -1.28 -10.77
HO3 NAG N . 23.59 -0.02 -13.66
HO4 NAG N . 25.74 -2.60 -15.09
HO6 NAG N . 26.20 -5.31 -11.51
C1 GOL O . 33.38 -36.87 8.34
O1 GOL O . 34.57 -37.35 8.94
C2 GOL O . 32.88 -37.83 7.27
O2 GOL O . 33.13 -37.27 6.00
C3 GOL O . 31.39 -38.10 7.42
O3 GOL O . 31.03 -39.23 6.65
H11 GOL O . 33.57 -35.89 7.89
H12 GOL O . 32.62 -36.74 9.11
HO1 GOL O . 34.90 -36.68 9.56
H2 GOL O . 33.42 -38.77 7.36
HO2 GOL O . 32.82 -37.89 5.31
H31 GOL O . 30.82 -37.23 7.10
H32 GOL O . 31.15 -38.29 8.47
HO3 GOL O . 30.05 -39.31 6.61
C1 GOL P . 12.97 -5.49 0.61
O1 GOL P . 12.68 -6.21 1.78
C2 GOL P . 14.47 -5.32 0.53
O2 GOL P . 15.12 -6.59 0.47
C3 GOL P . 14.86 -4.45 -0.66
O3 GOL P . 15.98 -3.72 -0.24
H11 GOL P . 12.61 -6.04 -0.26
H12 GOL P . 12.49 -4.51 0.64
HO1 GOL P . 11.71 -6.28 1.90
H2 GOL P . 14.80 -4.81 1.44
HO2 GOL P . 14.87 -7.04 -0.36
H31 GOL P . 15.09 -5.07 -1.52
H32 GOL P . 14.03 -3.78 -0.91
HO3 GOL P . 16.17 -3.01 -0.90
C1 GOL Q . 4.01 -12.82 -8.60
O1 GOL Q . 4.62 -13.26 -9.79
C2 GOL Q . 2.76 -13.65 -8.31
O2 GOL Q . 2.40 -13.48 -6.96
C3 GOL Q . 1.61 -13.23 -9.20
O3 GOL Q . 0.56 -14.17 -9.12
H11 GOL Q . 3.73 -11.77 -8.70
H12 GOL Q . 4.71 -12.90 -7.77
HO1 GOL Q . 5.38 -12.67 -10.01
H2 GOL Q . 2.99 -14.70 -8.49
HO2 GOL Q . 2.17 -12.54 -6.80
H31 GOL Q . 1.25 -12.25 -8.90
H32 GOL Q . 1.95 -13.16 -10.23
HO3 GOL Q . -0.10 -14.00 -9.83
C1 GOL R . 19.43 -7.55 9.05
O1 GOL R . 20.28 -8.49 8.45
C2 GOL R . 18.92 -6.64 7.95
O2 GOL R . 19.19 -7.24 6.70
C3 GOL R . 17.43 -6.41 8.12
O3 GOL R . 16.91 -5.79 6.97
H11 GOL R . 18.60 -8.05 9.54
H12 GOL R . 19.98 -6.97 9.80
HO1 GOL R . 20.69 -9.06 9.15
H2 GOL R . 19.43 -5.69 8.03
HO2 GOL R . 18.72 -8.09 6.65
H31 GOL R . 16.92 -7.37 8.28
H32 GOL R . 17.25 -5.78 8.99
HO3 GOL R . 15.98 -6.07 6.83
C1 NAG S . 16.12 -11.10 -25.54
C2 NAG S . 17.04 -10.26 -26.42
C3 NAG S . 18.33 -11.05 -26.73
C4 NAG S . 18.98 -11.50 -25.44
C5 NAG S . 17.99 -12.27 -24.58
C6 NAG S . 18.54 -12.63 -23.22
C7 NAG S . 16.11 -8.58 -27.94
C8 NAG S . 15.41 -8.34 -29.24
N2 NAG S . 16.37 -9.86 -27.65
O3 NAG S . 19.21 -10.21 -27.47
O4 NAG S . 20.10 -12.33 -25.72
O5 NAG S . 16.81 -11.48 -24.35
O6 NAG S . 17.54 -13.23 -22.40
O7 NAG S . 16.43 -7.66 -27.19
H1 NAG S . 15.85 -11.91 -26.03
H2 NAG S . 17.30 -9.46 -25.92
H3 NAG S . 18.10 -11.83 -27.27
H4 NAG S . 19.28 -10.71 -24.94
H5 NAG S . 17.74 -13.09 -25.05
H61 NAG S . 19.28 -13.25 -23.33
H62 NAG S . 18.86 -11.83 -22.78
H81 NAG S . 14.55 -8.80 -29.23
H82 NAG S . 15.96 -8.68 -29.97
H83 NAG S . 15.26 -7.38 -29.36
HN2 NAG S . 16.11 -10.50 -28.24
HO3 NAG S . 20.03 -10.30 -27.13
HO4 NAG S . 20.85 -11.92 -25.47
HO6 NAG S . 17.91 -13.90 -21.94
C1 GOL T . -1.73 -26.64 26.20
O1 GOL T . -0.45 -27.09 26.62
C2 GOL T . -2.31 -25.66 27.23
O2 GOL T . -3.60 -25.25 26.83
C3 GOL T . -2.37 -26.32 28.60
O3 GOL T . -1.13 -26.21 29.25
H11 GOL T . -1.65 -26.15 25.23
H12 GOL T . -2.39 -27.49 26.09
HO1 GOL T . -0.13 -27.77 25.99
H2 GOL T . -1.64 -24.80 27.28
HO2 GOL T . -4.20 -26.02 26.80
H31 GOL T . -3.15 -25.85 29.19
H32 GOL T . -2.63 -27.37 28.49
HO3 GOL T . -1.27 -26.18 30.23
C1 GOL U . 9.79 -10.69 17.86
O1 GOL U . 8.91 -9.70 18.35
C2 GOL U . 10.19 -10.36 16.42
O2 GOL U . 11.29 -11.14 16.03
C3 GOL U . 9.01 -10.62 15.49
O3 GOL U . 8.72 -11.99 15.41
H11 GOL U . 10.69 -10.73 18.48
H12 GOL U . 9.31 -11.66 17.88
HO1 GOL U . 8.61 -9.95 19.25
H2 GOL U . 10.44 -9.30 16.36
HO2 GOL U . 11.05 -12.09 16.05
H31 GOL U . 9.24 -10.24 14.49
H32 GOL U . 8.13 -10.09 15.85
HO3 GOL U . 7.81 -12.13 15.05
CL CL V . -1.72 8.63 3.13
C1 NAG W . 8.32 16.51 17.79
C2 NAG W . 9.58 17.18 18.33
C3 NAG W . 10.23 16.29 19.39
C4 NAG W . 9.22 15.94 20.48
C5 NAG W . 7.97 15.31 19.85
C6 NAG W . 6.87 15.07 20.85
C7 NAG W . 11.03 18.67 17.03
C8 NAG W . 11.99 18.79 15.89
N2 NAG W . 10.52 17.46 17.26
O3 NAG W . 11.34 16.97 19.96
O4 NAG W . 9.80 15.00 21.38
O5 NAG W . 7.43 16.21 18.87
O6 NAG W . 5.63 14.85 20.20
O7 NAG W . 10.73 19.64 17.71
H1 NAG W . 8.56 15.68 17.33
H2 NAG W . 9.33 18.02 18.75
H3 NAG W . 10.54 15.46 18.96
H4 NAG W . 8.97 16.74 20.96
H5 NAG W . 8.21 14.47 19.42
H61 NAG W . 7.09 14.30 21.39
H62 NAG W . 6.78 15.86 21.43
H81 NAG W . 12.76 18.20 16.05
H82 NAG W . 11.55 18.52 15.06
H83 NAG W . 12.30 19.70 15.82
HN2 NAG W . 10.78 16.77 16.72
HO3 NAG W . 11.90 16.38 20.32
HO4 NAG W . 9.39 15.06 22.17
HO6 NAG W . 5.21 15.62 20.07
C1 PGE X . -17.05 23.42 -12.22
O1 PGE X . -17.59 23.55 -10.91
C2 PGE X . -15.63 22.87 -12.14
O2 PGE X . -14.76 23.61 -12.97
C3 PGE X . -13.62 24.12 -12.30
C4 PGE X . -12.56 24.59 -13.29
O4 PGE X . -12.39 28.26 -14.91
C6 PGE X . -11.28 27.93 -14.08
C5 PGE X . -11.24 26.43 -13.93
O3 PGE X . -12.30 25.97 -13.11
H1 PGE X . -17.01 24.38 -12.75
H12 PGE X . -17.65 22.72 -12.84
HO1 PGE X . -17.91 24.45 -10.81
H2 PGE X . -15.29 22.91 -11.09
H22 PGE X . -15.64 21.80 -12.42
H3 PGE X . -13.90 24.97 -11.66
H32 PGE X . -13.18 23.35 -11.65
H4 PGE X . -11.65 24.00 -13.14
H42 PGE X . -12.92 24.40 -14.32
HO4 PGE X . -12.36 29.21 -15.08
H6 PGE X . -11.38 28.37 -13.07
H62 PGE X . -10.32 28.26 -14.51
H5 PGE X . -10.25 26.14 -13.50
H52 PGE X . -11.30 25.96 -14.92
C1 PGE Y . -2.08 51.93 0.95
O1 PGE Y . -1.01 51.32 1.64
C2 PGE Y . -3.31 51.04 1.03
O2 PGE Y . -3.66 50.85 2.39
C3 PGE Y . -5.06 50.73 2.62
C4 PGE Y . -5.29 50.72 4.11
O4 PGE Y . -6.03 53.35 6.99
C6 PGE Y . -4.67 53.34 6.58
C5 PGE Y . -4.40 52.04 5.87
O3 PGE Y . -5.09 52.02 4.63
H1 PGE Y . -2.34 52.91 1.36
H12 PGE Y . -1.84 52.06 -0.12
HO1 PGE Y . -1.27 50.43 1.87
H2 PGE Y . -4.14 51.51 0.48
H22 PGE Y . -3.09 50.08 0.55
H3 PGE Y . -5.60 51.57 2.17
H32 PGE Y . -5.44 49.80 2.18
H4 PGE Y . -6.33 50.39 4.32
H42 PGE Y . -4.62 49.99 4.58
HO4 PGE Y . -6.30 54.27 7.10
H6 PGE Y . -3.99 53.42 7.44
H62 PGE Y . -4.44 54.17 5.89
H5 PGE Y . -4.74 51.21 6.51
H52 PGE Y . -3.32 51.92 5.72
C1 GOL Z . 4.55 12.94 3.36
O1 GOL Z . 4.34 13.47 2.07
C2 GOL Z . 5.52 13.85 4.09
O2 GOL Z . 4.85 15.06 4.34
C3 GOL Z . 5.97 13.21 5.40
O3 GOL Z . 7.26 13.69 5.68
H11 GOL Z . 3.60 12.89 3.89
H12 GOL Z . 4.96 11.94 3.29
HO1 GOL Z . 3.77 12.86 1.55
H2 GOL Z . 6.39 14.03 3.46
HO2 GOL Z . 4.07 14.89 4.91
H31 GOL Z . 5.29 13.48 6.20
H32 GOL Z . 5.99 12.13 5.30
HO3 GOL Z . 7.59 13.29 6.51
C1 GOL AA . -11.37 9.97 3.74
O1 GOL AA . -10.68 10.94 3.00
C2 GOL AA . -10.63 9.67 5.04
O2 GOL AA . -9.77 8.57 4.89
C3 GOL AA . -11.66 9.32 6.11
O3 GOL AA . -12.60 8.43 5.56
H11 GOL AA . -12.38 10.33 3.96
H12 GOL AA . -11.46 9.06 3.15
HO1 GOL AA . -11.13 11.08 2.13
H2 GOL AA . -10.08 10.55 5.35
HO2 GOL AA . -9.33 8.37 5.74
H31 GOL AA . -12.16 10.23 6.44
H32 GOL AA . -11.16 8.86 6.96
HO3 GOL AA . -13.44 8.91 5.37
C1 NAG BA . -8.43 13.74 27.37
C2 NAG BA . -7.79 13.50 28.73
C3 NAG BA . -8.05 14.69 29.65
C4 NAG BA . -7.62 16.00 28.98
C5 NAG BA . -8.19 16.11 27.57
C6 NAG BA . -7.64 17.30 26.81
C7 NAG BA . -7.55 11.16 29.42
C8 NAG BA . -8.22 9.98 30.06
N2 NAG BA . -8.28 12.27 29.32
O3 NAG BA . -7.33 14.50 30.87
O4 NAG BA . -8.06 17.10 29.76
O5 NAG BA . -7.90 14.94 26.79
O6 NAG BA . -7.85 17.15 25.41
O7 NAG BA . -6.39 11.10 29.00
H1 NAG BA . -9.40 13.85 27.48
H2 NAG BA . -6.82 13.43 28.60
H3 NAG BA . -9.01 14.74 29.85
H4 NAG BA . -6.64 16.01 28.93
H5 NAG BA . -9.17 16.20 27.65
H61 NAG BA . -8.10 18.10 27.11
H62 NAG BA . -6.69 17.37 26.99
H81 NAG BA . -9.02 9.75 29.55
H82 NAG BA . -8.49 10.22 30.97
H83 NAG BA . -7.61 9.23 30.08
HN2 NAG BA . -9.13 12.27 29.65
HO3 NAG BA . -6.96 15.27 31.12
HO4 NAG BA . -7.60 17.82 29.53
HO6 NAG BA . -7.88 16.28 25.20
#